data_8OX4
#
_entry.id   8OX4
#
_cell.length_a   1.00
_cell.length_b   1.00
_cell.length_c   1.00
_cell.angle_alpha   90.00
_cell.angle_beta   90.00
_cell.angle_gamma   90.00
#
_symmetry.space_group_name_H-M   'P 1'
#
loop_
_entity.id
_entity.type
_entity.pdbx_description
1 polymer 'Phospholipid-transporting ATPase IC'
2 polymer 'Cell cycle control protein 50A'
3 branched beta-D-mannopyranose-(1-4)-2-acetamido-2-deoxy-beta-D-glucopyranose-(1-4)-2-acetamido-2-deoxy-beta-D-glucopyranose
4 non-polymer 'PHOSPHOMETHYLPHOSPHONIC ACID ADENYLATE ESTER'
5 non-polymer 'MAGNESIUM ION'
6 non-polymer 2-acetamido-2-deoxy-beta-D-glucopyranose
7 water water
#
loop_
_entity_poly.entity_id
_entity_poly.type
_entity_poly.pdbx_seq_one_letter_code
_entity_poly.pdbx_strand_id
1 'polypeptide(L)'
;MSTERDSETTFDEDSQPNDEVVPYSDDETEDELDDQGSAVEPEQNRVNREAEENREPFRKECTWQVKANDRKYHEQPHFM
NTKFLCIKESKYANNAIKTYKYNAFTFIPMNLFEQFKRAANLYFLALLILQAVPQISTLAWYTTLVPLLVVLGVTAIKDL
VDDVARHKMDKEINNRTCEVIKDGRFKVAKWKEIQVGDVIRLKKNDFVPADILLLSSSEPNSLCYVETAELDGETNLKFK
MSLEITDQYLQREDTLATFDGFIECEEPNNRLDKFTGTLFWRNTSFPLDADKILLRGCVIRNTDFCHGLVIFAGADTKIM
KNSGKTRFKRTKIDYLMNYMVYTIFVVLILLSAGLAIGHAYWEAQVGNSSWYLYDGEDDTPSYRGFLIFWGYIIVLNTMV
PISLYVSVEVIRLGQSHFINWDLQMYYAEKDTPAKARTTTLNEQLGQIHYIFSDKTGTLTQNIMTFKKCCINGQIYGDHR
DASQHNHNKIEQVDFSWNTYADGKLAFYDHYLIEQIQSGKEPEVRQFFFLLAVCHTVMVDRTDGQLNYQAASPDEGALVN
AARNFGFAFLARTQNTITISELGTERTYNVLAILDFNSDRKRMSIIVRTPEGNIKLYCKGADTVIYERLHRMNPTKQETQ
DALDIFANETLRTLCLCYKEIEEKEFTEWNKKFMAASVASTNRDEALDKVYEEIEKDLILLGATAIEDKLQDGVPETISK
LAKADIKIWVLTGDKKETAENIGFACELLTEDTTICYGEDINSLLHARMENQRNRGGVYAKFAPPVQESFFPPGGNRALI
ITGSWLNEILLEKKTKRNKILKLKFPRTEEERRMRTQSKRRLEAKKEQRQKNFVDLACECSAVICCRVTPKQKAMVVDLV
KRYKKAITLAIGDGANDVNMIKTAHIGVGISGQEGMQAVMSSDYSFAQFRYLQRLLLVHGRWSYIRMCKFLRYFFYKNFA
FTLVHFWYSFFNGYSAQTAYEDWFITLYNVLYTSLPVLLMGLLDQDVSDKLSLRFPGLYIVGQRDLLFNYKRFFVSLLHG
VLTSMILFFIPLGAYLQTVGQDGEAPSDYQSFAVTIASALVITVNFQIGLDTSYWTFVNAFSIFGSIALYFGIMFDFHSA
GIHVLFPSAFQFTGTASNALRQPYIWLTIILTVAVCLLPVVAIRFLSMTIWPSESDKIQKHRKRL
;
A
2 'polypeptide(L)'
;MLGGMAMNYNAKDEVDGGPPCAPGGTAKTRRPDNTAFKQQRLPAWQPILTAGTVLPIFFIIGLIFIPIGIGIFVTSNNIR
EIEIDYTGTEPSSPCNKCLSPDVTPCFCTINFTLEKSFEGNVFMYYGLSNFYQNHRRYVKSRDDSQLNGDSSALLNPSKE
CEPYRRNEDKPIAPCGAIANSMFNDTLELFLIGNDSYPIPIALKKKGIAWWTDKNVKFRNPPGGDNLEERFKGTTKPVNW
LKPVYMLDSDPDNNGFINEDFIVWMRTAALPTFRKLYRLIERKSDLHPTLPAGRYSLNVTYNYPVHYFDGRKRMILSTIS
WMGGKNPFLGIAYIAVGSISFLLGVVLLVINHKYRNSSNTADITI
;
B
#
loop_
_chem_comp.id
_chem_comp.type
_chem_comp.name
_chem_comp.formula
ACP non-polymer 'PHOSPHOMETHYLPHOSPHONIC ACID ADENYLATE ESTER' 'C11 H18 N5 O12 P3'
BMA D-saccharide, beta linking beta-D-mannopyranose 'C6 H12 O6'
MG non-polymer 'MAGNESIUM ION' 'Mg 2'
NAG D-saccharide, beta linking 2-acetamido-2-deoxy-beta-D-glucopyranose 'C8 H15 N O6'
#
# COMPACT_ATOMS: atom_id res chain seq x y z
N THR A 106 -19.02 13.82 14.42
CA THR A 106 -20.00 12.98 13.75
C THR A 106 -19.48 12.60 12.37
N PHE A 107 -20.39 12.19 11.47
CA PHE A 107 -19.96 11.81 10.13
C PHE A 107 -19.64 13.02 9.27
N ILE A 108 -20.33 14.14 9.47
CA ILE A 108 -20.04 15.34 8.69
C ILE A 108 -18.59 15.78 8.88
N PRO A 109 -18.04 15.83 10.09
CA PRO A 109 -16.59 16.03 10.21
C PRO A 109 -15.79 14.96 9.51
N MET A 110 -16.30 13.72 9.44
CA MET A 110 -15.52 12.62 8.88
C MET A 110 -15.06 12.94 7.47
N ASN A 111 -16.01 13.17 6.56
CA ASN A 111 -15.65 13.46 5.17
C ASN A 111 -14.96 14.82 5.06
N LEU A 112 -15.16 15.71 6.04
CA LEU A 112 -14.61 17.05 5.93
C LEU A 112 -13.09 17.04 5.94
N PHE A 113 -12.47 16.24 6.80
CA PHE A 113 -11.01 16.16 6.81
C PHE A 113 -10.48 15.05 5.92
N GLU A 114 -11.32 14.09 5.54
CA GLU A 114 -10.89 13.09 4.56
C GLU A 114 -10.58 13.75 3.23
N GLN A 115 -11.37 14.75 2.84
CA GLN A 115 -11.16 15.40 1.55
C GLN A 115 -9.95 16.32 1.59
N PHE A 116 -9.96 17.31 2.48
CA PHE A 116 -8.93 18.34 2.48
C PHE A 116 -7.55 17.75 2.76
N LYS A 117 -7.43 16.92 3.78
CA LYS A 117 -6.12 16.43 4.19
C LYS A 117 -5.46 15.61 3.09
N ARG A 118 -6.22 14.73 2.43
CA ARG A 118 -5.68 13.86 1.41
C ARG A 118 -5.85 14.50 0.04
N ALA A 119 -4.75 14.60 -0.70
CA ALA A 119 -4.80 15.23 -2.02
C ALA A 119 -5.69 14.44 -2.97
N ALA A 120 -5.55 13.12 -2.99
CA ALA A 120 -6.32 12.31 -3.92
C ALA A 120 -7.82 12.40 -3.63
N ASN A 121 -8.20 12.42 -2.35
CA ASN A 121 -9.61 12.51 -2.01
C ASN A 121 -10.21 13.82 -2.51
N LEU A 122 -9.46 14.92 -2.40
CA LEU A 122 -9.95 16.19 -2.92
C LEU A 122 -9.86 16.24 -4.44
N TYR A 123 -8.92 15.49 -5.03
CA TYR A 123 -8.81 15.49 -6.49
C TYR A 123 -10.09 14.97 -7.13
N PHE A 124 -10.65 13.89 -6.58
CA PHE A 124 -11.84 13.29 -7.17
C PHE A 124 -13.08 14.13 -6.90
N LEU A 125 -13.14 14.83 -5.77
CA LEU A 125 -14.24 15.76 -5.55
C LEU A 125 -14.20 16.89 -6.56
N ALA A 126 -13.00 17.39 -6.87
CA ALA A 126 -12.88 18.38 -7.94
C ALA A 126 -13.30 17.79 -9.28
N LEU A 127 -13.20 16.48 -9.44
CA LEU A 127 -13.55 15.85 -10.70
C LEU A 127 -15.06 15.80 -10.89
N LEU A 128 -15.81 15.58 -9.80
CA LEU A 128 -17.27 15.57 -9.92
C LEU A 128 -17.79 16.87 -10.47
N ILE A 129 -17.23 18.00 -10.00
CA ILE A 129 -17.59 19.29 -10.57
C ILE A 129 -17.31 19.31 -12.06
N LEU A 130 -16.18 18.76 -12.47
CA LEU A 130 -15.87 18.65 -13.89
C LEU A 130 -16.87 17.76 -14.61
N GLN A 131 -17.27 16.66 -13.96
CA GLN A 131 -18.23 15.75 -14.57
C GLN A 131 -19.66 16.29 -14.48
N ALA A 132 -19.92 17.23 -13.59
CA ALA A 132 -21.27 17.79 -13.49
C ALA A 132 -21.62 18.60 -14.73
N VAL A 133 -20.73 19.51 -15.13
CA VAL A 133 -20.99 20.34 -16.31
C VAL A 133 -21.07 19.44 -17.54
N PRO A 134 -22.09 19.57 -18.40
CA PRO A 134 -22.23 18.62 -19.51
C PRO A 134 -21.35 18.93 -20.71
N GLN A 135 -20.85 20.16 -20.85
CA GLN A 135 -20.08 20.51 -22.03
C GLN A 135 -18.74 19.78 -22.11
N ILE A 136 -18.27 19.19 -21.02
CA ILE A 136 -17.00 18.47 -21.01
C ILE A 136 -17.11 17.10 -20.37
N SER A 137 -18.28 16.72 -19.85
CA SER A 137 -18.42 15.46 -19.13
C SER A 137 -18.30 14.30 -20.11
N THR A 138 -17.12 13.70 -20.17
CA THR A 138 -16.88 12.55 -21.02
C THR A 138 -17.24 11.23 -20.35
N LEU A 139 -17.51 11.25 -19.04
CA LEU A 139 -17.95 10.07 -18.30
C LEU A 139 -19.13 10.44 -17.42
N ALA A 140 -19.95 9.43 -17.11
CA ALA A 140 -21.10 9.67 -16.25
C ALA A 140 -20.63 9.94 -14.82
N TRP A 141 -21.54 10.54 -14.04
CA TRP A 141 -21.24 10.80 -12.63
C TRP A 141 -21.14 9.50 -11.84
N TYR A 142 -21.82 8.44 -12.29
CA TYR A 142 -21.69 7.15 -11.64
C TYR A 142 -20.23 6.72 -11.53
N THR A 143 -19.43 7.04 -12.55
CA THR A 143 -18.08 6.52 -12.63
C THR A 143 -17.18 7.00 -11.50
N THR A 144 -17.58 8.05 -10.77
CA THR A 144 -16.75 8.60 -9.71
C THR A 144 -17.38 8.53 -8.33
N LEU A 145 -18.68 8.76 -8.19
CA LEU A 145 -19.29 8.68 -6.86
C LEU A 145 -19.18 7.28 -6.29
N VAL A 146 -19.61 6.26 -7.05
CA VAL A 146 -19.64 4.90 -6.51
C VAL A 146 -18.26 4.43 -6.09
N PRO A 147 -17.20 4.59 -6.89
CA PRO A 147 -15.86 4.31 -6.35
C PRO A 147 -15.47 5.22 -5.21
N LEU A 148 -16.09 6.40 -5.12
CA LEU A 148 -15.74 7.36 -4.08
C LEU A 148 -16.49 7.06 -2.79
N LEU A 149 -17.79 6.81 -2.87
CA LEU A 149 -18.56 6.51 -1.66
C LEU A 149 -18.02 5.29 -0.94
N VAL A 150 -17.68 4.24 -1.69
CA VAL A 150 -17.15 3.03 -1.09
C VAL A 150 -15.81 3.34 -0.40
N VAL A 151 -14.94 4.08 -1.08
CA VAL A 151 -13.67 4.47 -0.48
C VAL A 151 -13.91 5.42 0.69
N LEU A 152 -14.84 6.36 0.53
CA LEU A 152 -15.22 7.23 1.64
C LEU A 152 -16.12 6.54 2.64
N GLY A 153 -16.71 5.40 2.28
CA GLY A 153 -17.54 4.65 3.19
C GLY A 153 -16.75 3.64 3.99
N VAL A 154 -15.83 2.93 3.33
CA VAL A 154 -15.02 1.94 4.02
C VAL A 154 -14.14 2.61 5.06
N THR A 155 -13.52 3.74 4.71
CA THR A 155 -12.65 4.42 5.65
C THR A 155 -13.44 4.96 6.84
N ALA A 156 -14.72 5.28 6.64
CA ALA A 156 -15.56 5.70 7.77
C ALA A 156 -15.75 4.57 8.77
N ILE A 157 -15.93 3.35 8.28
CA ILE A 157 -16.13 2.21 9.18
C ILE A 157 -14.88 1.96 10.01
N LYS A 158 -13.69 2.18 9.44
CA LYS A 158 -12.46 1.98 10.19
C LYS A 158 -12.23 3.03 11.27
N ASP A 159 -13.04 4.09 11.30
CA ASP A 159 -12.88 5.15 12.29
C ASP A 159 -14.17 5.36 13.08
N LEU A 160 -15.32 5.16 12.45
CA LEU A 160 -16.59 5.36 13.14
C LEU A 160 -16.76 4.37 14.28
N VAL A 161 -16.33 3.12 14.08
CA VAL A 161 -16.45 2.12 15.13
C VAL A 161 -15.67 2.55 16.36
N ASP A 162 -14.59 3.31 16.18
CA ASP A 162 -13.86 3.82 17.34
C ASP A 162 -14.68 4.87 18.08
N ASP A 163 -15.30 5.80 17.34
CA ASP A 163 -16.05 6.87 17.99
C ASP A 163 -17.25 6.34 18.75
N VAL A 164 -18.00 5.40 18.17
CA VAL A 164 -19.17 4.87 18.85
C VAL A 164 -18.76 4.15 20.14
N ALA A 165 -17.62 3.46 20.11
CA ALA A 165 -17.07 2.88 21.33
C ALA A 165 -16.72 3.98 22.33
N ARG A 166 -16.17 5.10 21.84
CA ARG A 166 -15.90 6.23 22.73
C ARG A 166 -17.19 6.78 23.32
N HIS A 167 -18.25 6.88 22.50
CA HIS A 167 -19.53 7.34 23.01
C HIS A 167 -20.06 6.42 24.09
N LYS A 168 -19.97 5.10 23.88
CA LYS A 168 -20.36 4.15 24.91
C LYS A 168 -19.48 4.29 26.14
N MET A 169 -18.18 4.53 25.94
CA MET A 169 -17.29 4.73 27.08
C MET A 169 -17.68 5.96 27.88
N ASP A 170 -18.05 7.04 27.19
CA ASP A 170 -18.48 8.25 27.89
C ASP A 170 -19.73 7.99 28.72
N LYS A 171 -20.68 7.23 28.17
CA LYS A 171 -21.88 6.89 28.92
C LYS A 171 -21.55 6.06 30.15
N GLU A 172 -20.67 5.06 29.99
CA GLU A 172 -20.35 4.18 31.11
C GLU A 172 -19.61 4.93 32.21
N ILE A 173 -18.60 5.72 31.84
CA ILE A 173 -17.83 6.44 32.85
C ILE A 173 -18.67 7.52 33.51
N ASN A 174 -19.53 8.18 32.73
CA ASN A 174 -20.41 9.21 33.26
C ASN A 174 -21.78 8.63 33.59
N PHE A 328 3.98 14.71 13.19
CA PHE A 328 3.56 13.35 13.48
C PHE A 328 4.44 12.36 12.75
N LYS A 329 4.34 11.08 13.12
CA LYS A 329 5.19 10.04 12.56
C LYS A 329 4.64 9.61 11.21
N ARG A 330 5.37 9.93 10.14
CA ARG A 330 5.02 9.55 8.78
C ARG A 330 6.07 8.60 8.23
N THR A 331 5.62 7.51 7.64
CA THR A 331 6.55 6.53 7.09
C THR A 331 7.28 7.09 5.88
N LYS A 332 8.42 6.47 5.55
CA LYS A 332 9.17 6.88 4.38
C LYS A 332 8.37 6.64 3.11
N ILE A 333 7.68 5.50 3.01
CA ILE A 333 6.86 5.23 1.83
C ILE A 333 5.68 6.18 1.76
N ASP A 334 5.11 6.54 2.92
CA ASP A 334 4.02 7.52 2.92
C ASP A 334 4.45 8.82 2.24
N TYR A 335 5.72 9.20 2.40
CA TYR A 335 6.23 10.35 1.69
C TYR A 335 6.36 10.07 0.20
N LEU A 336 6.79 8.85 -0.15
CA LEU A 336 6.90 8.48 -1.56
C LEU A 336 5.53 8.42 -2.22
N MET A 337 4.56 7.77 -1.56
CA MET A 337 3.22 7.65 -2.12
C MET A 337 2.66 9.02 -2.50
N ASN A 338 2.89 10.03 -1.68
CA ASN A 338 2.45 11.38 -2.04
C ASN A 338 3.15 11.86 -3.30
N TYR A 339 4.44 11.51 -3.44
CA TYR A 339 5.16 11.93 -4.63
C TYR A 339 4.70 11.18 -5.88
N MET A 340 4.32 9.90 -5.74
CA MET A 340 3.79 9.17 -6.87
C MET A 340 2.49 9.79 -7.36
N VAL A 341 1.58 10.10 -6.44
CA VAL A 341 0.28 10.63 -6.85
C VAL A 341 0.44 12.00 -7.50
N TYR A 342 1.39 12.82 -7.01
CA TYR A 342 1.66 14.08 -7.67
C TYR A 342 2.38 13.88 -9.00
N THR A 343 3.04 12.73 -9.19
CA THR A 343 3.61 12.42 -10.48
C THR A 343 2.54 11.97 -11.47
N ILE A 344 1.54 11.24 -10.99
CA ILE A 344 0.45 10.80 -11.87
C ILE A 344 -0.35 12.01 -12.33
N PHE A 345 -0.52 13.02 -11.48
CA PHE A 345 -1.22 14.23 -11.88
C PHE A 345 -0.52 14.88 -13.07
N VAL A 346 0.79 15.03 -13.00
CA VAL A 346 1.53 15.69 -14.07
C VAL A 346 1.44 14.88 -15.35
N VAL A 347 1.60 13.56 -15.25
CA VAL A 347 1.50 12.71 -16.44
C VAL A 347 0.09 12.76 -17.00
N LEU A 348 -0.92 12.75 -16.13
CA LEU A 348 -2.29 12.87 -16.60
C LEU A 348 -2.52 14.21 -17.29
N ILE A 349 -1.99 15.30 -16.72
CA ILE A 349 -2.20 16.62 -17.30
C ILE A 349 -1.48 16.74 -18.63
N LEU A 350 -0.28 16.15 -18.74
CA LEU A 350 0.45 16.21 -20.00
C LEU A 350 -0.24 15.38 -21.07
N LEU A 351 -0.66 14.16 -20.73
CA LEU A 351 -1.33 13.31 -21.71
C LEU A 351 -2.67 13.90 -22.13
N SER A 352 -3.42 14.45 -21.17
CA SER A 352 -4.68 15.10 -21.52
C SER A 352 -4.44 16.32 -22.40
N ALA A 353 -3.39 17.10 -22.09
CA ALA A 353 -3.06 18.24 -22.94
C ALA A 353 -2.51 17.78 -24.28
N GLY A 354 -1.81 16.65 -24.30
CA GLY A 354 -1.28 16.14 -25.56
C GLY A 354 -2.39 15.73 -26.51
N LEU A 355 -3.42 15.04 -26.00
CA LEU A 355 -4.52 14.62 -26.85
C LEU A 355 -5.43 15.80 -27.20
N ALA A 356 -5.51 16.80 -26.31
CA ALA A 356 -6.27 18.00 -26.65
C ALA A 356 -5.68 18.68 -27.87
N ILE A 357 -4.35 18.72 -27.98
CA ILE A 357 -3.72 19.20 -29.19
C ILE A 357 -4.11 18.33 -30.38
N GLY A 358 -4.09 17.01 -30.19
CA GLY A 358 -4.39 16.11 -31.30
C GLY A 358 -5.82 16.22 -31.79
N HIS A 359 -6.75 16.55 -30.90
CA HIS A 359 -8.14 16.69 -31.32
C HIS A 359 -8.37 17.98 -32.09
N ALA A 360 -7.72 19.07 -31.68
CA ALA A 360 -7.86 20.32 -32.42
C ALA A 360 -7.32 20.18 -33.84
N TYR A 361 -6.20 19.48 -34.00
CA TYR A 361 -5.64 19.27 -35.34
C TYR A 361 -6.45 18.24 -36.12
N TRP A 362 -6.94 17.20 -35.45
CA TRP A 362 -7.85 16.28 -36.12
C TRP A 362 -9.13 16.98 -36.52
N GLU A 363 -9.71 17.77 -35.62
CA GLU A 363 -10.97 18.44 -35.92
C GLU A 363 -10.82 19.44 -37.05
N ALA A 364 -9.70 20.16 -37.09
CA ALA A 364 -9.48 21.14 -38.15
C ALA A 364 -9.44 20.48 -39.52
N GLN A 365 -8.79 19.33 -39.62
CA GLN A 365 -8.61 18.65 -40.90
C GLN A 365 -9.78 17.74 -41.23
N VAL A 366 -10.08 16.78 -40.36
CA VAL A 366 -11.08 15.75 -40.63
C VAL A 366 -12.42 16.08 -40.01
N GLY A 367 -12.42 16.65 -38.80
CA GLY A 367 -13.68 16.91 -38.11
C GLY A 367 -14.54 17.93 -38.80
N ASN A 368 -13.94 19.04 -39.26
CA ASN A 368 -14.72 20.09 -39.90
C ASN A 368 -15.26 19.63 -41.25
N SER A 369 -14.56 18.74 -41.94
CA SER A 369 -15.00 18.22 -43.23
C SER A 369 -15.94 17.04 -43.10
N SER A 370 -16.25 16.59 -41.89
CA SER A 370 -17.11 15.43 -41.68
C SER A 370 -18.53 15.91 -41.43
N TRP A 371 -19.43 15.63 -42.37
CA TRP A 371 -20.80 16.10 -42.26
C TRP A 371 -21.62 15.31 -41.25
N TYR A 372 -21.20 14.09 -40.91
CA TYR A 372 -21.95 13.29 -39.95
C TYR A 372 -21.72 13.77 -38.52
N LEU A 373 -20.57 14.35 -38.21
CA LEU A 373 -20.30 14.91 -36.89
C LEU A 373 -20.67 16.39 -36.82
N TYR A 374 -21.91 16.71 -37.18
CA TYR A 374 -22.41 18.08 -37.12
C TYR A 374 -23.27 18.21 -35.87
N ASP A 375 -22.95 19.18 -35.02
CA ASP A 375 -23.64 19.40 -33.76
C ASP A 375 -24.33 20.75 -33.68
N GLY A 376 -24.13 21.64 -34.64
CA GLY A 376 -24.76 22.94 -34.63
C GLY A 376 -24.06 23.99 -33.79
N GLU A 377 -22.95 23.65 -33.14
CA GLU A 377 -22.18 24.58 -32.32
C GLU A 377 -20.89 24.92 -33.08
N ASP A 378 -20.80 26.15 -33.58
CA ASP A 378 -19.65 26.59 -34.35
C ASP A 378 -18.49 26.85 -33.39
N ASP A 379 -17.85 25.77 -32.96
CA ASP A 379 -16.69 25.84 -32.08
C ASP A 379 -15.43 25.70 -32.91
N THR A 380 -14.54 26.70 -32.83
CA THR A 380 -13.32 26.66 -33.60
C THR A 380 -12.45 25.49 -33.14
N PRO A 381 -11.63 24.92 -34.03
CA PRO A 381 -10.84 23.74 -33.63
C PRO A 381 -9.96 23.97 -32.42
N SER A 382 -9.47 25.20 -32.22
CA SER A 382 -8.70 25.47 -31.01
C SER A 382 -9.57 25.35 -29.76
N TYR A 383 -10.83 25.80 -29.85
CA TYR A 383 -11.74 25.68 -28.72
C TYR A 383 -12.14 24.23 -28.49
N ARG A 384 -12.42 23.49 -29.56
CA ARG A 384 -12.80 22.08 -29.41
C ARG A 384 -11.68 21.28 -28.75
N GLY A 385 -10.43 21.61 -29.07
CA GLY A 385 -9.33 20.98 -28.37
C GLY A 385 -9.28 21.36 -26.90
N PHE A 386 -9.56 22.63 -26.60
CA PHE A 386 -9.58 23.06 -25.21
C PHE A 386 -10.68 22.35 -24.43
N LEU A 387 -11.87 22.26 -25.01
CA LEU A 387 -12.98 21.63 -24.30
C LEU A 387 -12.67 20.18 -23.99
N ILE A 388 -11.96 19.49 -24.88
CA ILE A 388 -11.64 18.08 -24.65
C ILE A 388 -10.38 17.89 -23.83
N PHE A 389 -9.68 18.96 -23.47
CA PHE A 389 -8.63 18.85 -22.48
C PHE A 389 -9.23 18.43 -21.13
N TRP A 390 -10.38 18.99 -20.78
CA TRP A 390 -11.10 18.52 -19.61
C TRP A 390 -11.75 17.18 -19.86
N GLY A 391 -12.00 16.82 -21.11
CA GLY A 391 -12.55 15.50 -21.40
C GLY A 391 -11.58 14.39 -21.08
N TYR A 392 -10.29 14.64 -21.29
CA TYR A 392 -9.25 13.66 -21.01
C TYR A 392 -8.68 13.79 -19.60
N ILE A 393 -9.15 14.76 -18.82
CA ILE A 393 -8.94 14.76 -17.37
C ILE A 393 -10.00 13.90 -16.68
N ILE A 394 -11.04 13.50 -17.40
CA ILE A 394 -12.13 12.72 -16.83
C ILE A 394 -12.03 11.25 -17.25
N VAL A 395 -11.85 10.99 -18.55
CA VAL A 395 -11.72 9.61 -19.00
C VAL A 395 -10.47 8.96 -18.40
N LEU A 396 -9.35 9.67 -18.44
CA LEU A 396 -8.09 9.19 -17.89
C LEU A 396 -7.93 9.53 -16.41
N ASN A 397 -9.01 9.90 -15.73
CA ASN A 397 -8.90 10.26 -14.32
C ASN A 397 -8.46 9.08 -13.48
N THR A 398 -8.89 7.87 -13.85
CA THR A 398 -8.66 6.69 -13.04
C THR A 398 -7.19 6.31 -12.95
N MET A 399 -6.31 6.97 -13.70
CA MET A 399 -4.88 6.81 -13.48
C MET A 399 -4.54 7.02 -12.02
N VAL A 400 -5.13 8.04 -11.41
CA VAL A 400 -4.97 8.31 -9.98
C VAL A 400 -5.72 7.22 -9.23
N PRO A 401 -5.06 6.40 -8.42
CA PRO A 401 -5.77 5.29 -7.76
C PRO A 401 -6.67 5.81 -6.65
N ILE A 402 -7.98 5.61 -6.81
CA ILE A 402 -8.92 6.13 -5.82
C ILE A 402 -8.82 5.34 -4.51
N SER A 403 -8.70 4.02 -4.60
CA SER A 403 -8.69 3.17 -3.42
C SER A 403 -7.28 2.86 -2.92
N LEU A 404 -6.29 3.69 -3.28
CA LEU A 404 -4.95 3.50 -2.73
C LEU A 404 -4.91 3.87 -1.25
N TYR A 405 -5.55 4.98 -0.89
CA TYR A 405 -5.46 5.48 0.48
C TYR A 405 -6.31 4.67 1.45
N VAL A 406 -7.27 3.88 0.95
CA VAL A 406 -8.11 3.06 1.82
C VAL A 406 -7.53 1.66 1.89
N SER A 407 -6.98 1.18 0.78
CA SER A 407 -6.38 -0.15 0.77
C SER A 407 -5.18 -0.22 1.70
N VAL A 408 -4.32 0.80 1.66
CA VAL A 408 -3.10 0.78 2.48
C VAL A 408 -3.45 0.77 3.96
N GLU A 409 -4.49 1.50 4.34
CA GLU A 409 -4.93 1.47 5.73
C GLU A 409 -5.34 0.06 6.14
N VAL A 410 -6.07 -0.64 5.25
CA VAL A 410 -6.47 -2.01 5.55
C VAL A 410 -5.26 -2.93 5.56
N ILE A 411 -4.30 -2.71 4.67
CA ILE A 411 -3.09 -3.52 4.66
C ILE A 411 -2.32 -3.33 5.97
N ARG A 412 -2.13 -2.08 6.38
CA ARG A 412 -1.36 -1.82 7.59
C ARG A 412 -2.13 -2.24 8.84
N LEU A 413 -3.44 -2.02 8.85
CA LEU A 413 -4.24 -2.43 10.01
C LEU A 413 -4.23 -3.94 10.16
N GLY A 414 -4.40 -4.66 9.04
CA GLY A 414 -4.34 -6.11 9.11
C GLY A 414 -2.98 -6.62 9.52
N GLN A 415 -1.92 -6.09 8.91
CA GLN A 415 -0.57 -6.51 9.26
C GLN A 415 -0.27 -6.17 10.71
N SER A 416 -0.69 -4.99 11.17
CA SER A 416 -0.46 -4.62 12.55
C SER A 416 -1.19 -5.56 13.51
N HIS A 417 -2.41 -5.97 13.16
CA HIS A 417 -3.14 -6.88 14.02
C HIS A 417 -2.51 -8.26 14.11
N PHE A 418 -1.62 -8.61 13.18
CA PHE A 418 -0.85 -9.84 13.36
C PHE A 418 0.16 -9.68 14.48
N ILE A 419 0.60 -8.46 14.75
CA ILE A 419 1.51 -8.23 15.87
C ILE A 419 0.78 -8.44 17.19
N ASN A 420 -0.46 -7.96 17.28
CA ASN A 420 -1.23 -8.14 18.50
C ASN A 420 -1.56 -9.61 18.75
N TRP A 421 -2.09 -10.29 17.73
CA TRP A 421 -2.47 -11.69 17.87
C TRP A 421 -1.28 -12.64 17.90
N ASP A 422 -0.07 -12.15 17.68
CA ASP A 422 1.08 -13.05 17.63
C ASP A 422 1.24 -13.78 18.96
N LEU A 423 1.43 -15.09 18.88
CA LEU A 423 1.59 -15.92 20.06
C LEU A 423 3.03 -16.21 20.41
N GLN A 424 3.95 -16.13 19.43
CA GLN A 424 5.36 -16.22 19.75
C GLN A 424 5.84 -14.95 20.44
N MET A 425 5.20 -13.82 20.17
CA MET A 425 5.48 -12.56 20.86
C MET A 425 4.50 -12.37 22.03
N TYR A 426 4.51 -13.34 22.93
CA TYR A 426 3.61 -13.33 24.08
C TYR A 426 4.34 -13.90 25.27
N TYR A 427 4.45 -13.12 26.34
CA TYR A 427 5.21 -13.50 27.51
C TYR A 427 4.26 -14.05 28.55
N ALA A 428 4.51 -15.29 28.99
CA ALA A 428 3.48 -16.07 29.67
C ALA A 428 3.30 -15.64 31.12
N GLU A 429 4.35 -15.73 31.94
CA GLU A 429 4.18 -15.56 33.38
C GLU A 429 3.63 -14.19 33.72
N LYS A 430 4.13 -13.14 33.06
CA LYS A 430 3.58 -11.80 33.27
C LYS A 430 2.31 -11.57 32.47
N ASP A 431 2.01 -12.44 31.51
CA ASP A 431 0.75 -12.43 30.78
C ASP A 431 0.45 -11.05 30.19
N THR A 432 1.34 -10.62 29.28
CA THR A 432 1.16 -9.37 28.57
C THR A 432 1.62 -9.58 27.12
N PRO A 433 0.70 -9.68 26.16
CA PRO A 433 1.10 -9.90 24.78
C PRO A 433 1.65 -8.63 24.15
N ALA A 434 2.21 -8.79 22.96
CA ALA A 434 2.69 -7.64 22.21
C ALA A 434 1.52 -6.79 21.77
N LYS A 435 1.72 -5.48 21.75
CA LYS A 435 0.73 -4.51 21.31
C LYS A 435 1.37 -3.61 20.26
N ALA A 436 0.60 -3.29 19.23
CA ALA A 436 1.03 -2.35 18.19
C ALA A 436 0.06 -1.16 18.28
N ARG A 437 0.47 -0.14 19.01
CA ARG A 437 -0.41 0.98 19.31
C ARG A 437 -0.36 2.08 18.27
N THR A 438 0.42 1.91 17.20
CA THR A 438 0.31 2.74 16.01
C THR A 438 0.14 1.82 14.82
N THR A 439 -0.99 1.98 14.11
CA THR A 439 -1.33 1.12 12.99
C THR A 439 -0.99 1.77 11.65
N THR A 440 0.08 2.56 11.61
CA THR A 440 0.53 3.18 10.38
C THR A 440 2.03 3.05 10.17
N LEU A 441 2.76 2.44 11.10
CA LEU A 441 4.20 2.20 10.98
C LEU A 441 4.40 0.69 10.93
N ASN A 442 4.26 0.12 9.73
CA ASN A 442 4.48 -1.31 9.53
C ASN A 442 5.59 -1.58 8.53
N GLU A 443 5.51 -0.98 7.34
CA GLU A 443 6.59 -1.10 6.38
C GLU A 443 7.90 -0.54 6.92
N GLN A 444 7.83 0.40 7.87
CA GLN A 444 9.04 0.98 8.42
C GLN A 444 9.75 0.08 9.41
N LEU A 445 9.06 -0.93 9.95
CA LEU A 445 9.74 -1.92 10.76
C LEU A 445 10.75 -2.70 9.93
N GLY A 446 10.49 -2.84 8.63
CA GLY A 446 11.38 -3.52 7.72
C GLY A 446 12.43 -2.63 7.08
N GLN A 447 12.53 -1.38 7.51
CA GLN A 447 13.50 -0.43 6.97
C GLN A 447 14.44 0.13 8.02
N ILE A 448 14.46 -0.47 9.22
CA ILE A 448 15.21 0.11 10.33
C ILE A 448 16.71 -0.10 10.11
N HIS A 449 17.46 0.99 10.24
CA HIS A 449 18.92 0.93 10.16
C HIS A 449 19.59 0.92 11.53
N TYR A 450 18.99 1.57 12.52
CA TYR A 450 19.59 1.73 13.84
C TYR A 450 18.61 1.28 14.91
N ILE A 451 19.15 0.82 16.04
CA ILE A 451 18.38 0.47 17.22
C ILE A 451 19.04 1.11 18.43
N PHE A 452 18.30 1.95 19.13
CA PHE A 452 18.74 2.54 20.38
C PHE A 452 18.01 1.83 21.52
N SER A 453 18.76 1.29 22.47
CA SER A 453 18.20 0.46 23.52
C SER A 453 18.70 0.91 24.88
N ASP A 454 17.78 0.97 25.84
CA ASP A 454 18.18 1.09 27.24
C ASP A 454 18.87 -0.20 27.68
N LYS A 455 19.64 -0.11 28.76
CA LYS A 455 20.32 -1.29 29.28
C LYS A 455 19.51 -1.94 30.39
N THR A 456 19.25 -1.22 31.47
CA THR A 456 18.52 -1.78 32.60
C THR A 456 17.02 -1.71 32.32
N GLY A 457 16.35 -2.85 32.48
CA GLY A 457 14.95 -2.96 32.17
C GLY A 457 14.65 -3.37 30.74
N THR A 458 15.63 -3.24 29.84
CA THR A 458 15.51 -3.69 28.47
C THR A 458 16.46 -4.83 28.16
N LEU A 459 17.75 -4.64 28.40
CA LEU A 459 18.73 -5.71 28.31
C LEU A 459 18.92 -6.46 29.62
N THR A 460 18.20 -6.07 30.67
CA THR A 460 18.25 -6.77 31.95
C THR A 460 16.83 -6.89 32.49
N GLN A 461 16.63 -7.88 33.36
CA GLN A 461 15.30 -8.21 33.86
C GLN A 461 14.83 -7.29 34.98
N ASN A 462 15.74 -6.57 35.66
CA ASN A 462 15.38 -5.82 36.85
C ASN A 462 14.71 -6.72 37.88
N ILE A 463 15.12 -7.98 37.95
CA ILE A 463 14.77 -8.88 39.03
C ILE A 463 16.03 -9.02 39.86
N MET A 464 16.15 -8.19 40.89
CA MET A 464 17.43 -7.91 41.52
C MET A 464 17.55 -8.62 42.87
N THR A 465 18.80 -8.76 43.30
CA THR A 465 19.11 -9.40 44.57
C THR A 465 20.45 -8.87 45.09
N PHE A 466 20.52 -8.65 46.39
CA PHE A 466 21.73 -8.13 47.02
C PHE A 466 22.82 -9.19 47.01
N LYS A 467 24.02 -8.82 46.58
CA LYS A 467 25.13 -9.76 46.45
C LYS A 467 26.28 -9.44 47.39
N LYS A 468 26.84 -8.24 47.34
CA LYS A 468 28.08 -7.92 48.05
C LYS A 468 27.98 -6.53 48.65
N CYS A 469 29.07 -6.09 49.27
CA CYS A 469 29.10 -4.82 49.98
C CYS A 469 30.53 -4.44 50.30
N CYS A 470 30.73 -3.17 50.65
CA CYS A 470 32.01 -2.69 51.16
C CYS A 470 31.74 -1.45 52.01
N ILE A 471 32.33 -1.42 53.20
CA ILE A 471 32.18 -0.30 54.12
C ILE A 471 33.57 0.08 54.64
N ASN A 472 33.92 1.35 54.51
CA ASN A 472 35.20 1.87 54.98
C ASN A 472 36.37 1.13 54.34
N GLY A 473 36.19 0.65 53.10
CA GLY A 473 37.23 -0.04 52.38
C GLY A 473 37.27 -1.55 52.58
N GLN A 474 36.54 -2.07 53.56
CA GLN A 474 36.51 -3.51 53.81
C GLN A 474 35.33 -4.11 53.04
N ILE A 475 35.65 -4.93 52.05
CA ILE A 475 34.63 -5.52 51.18
C ILE A 475 33.98 -6.69 51.90
N TYR A 476 32.65 -6.68 51.94
CA TYR A 476 31.86 -7.75 52.55
C TYR A 476 31.05 -8.45 51.46
N GLY A 477 30.48 -9.59 51.84
CA GLY A 477 29.72 -10.41 50.93
C GLY A 477 30.47 -11.58 50.33
N ASP A 478 31.70 -11.82 50.76
CA ASP A 478 32.52 -12.91 50.25
C ASP A 478 32.38 -14.13 51.18
N HIS A 479 33.06 -15.21 50.82
CA HIS A 479 33.03 -16.45 51.59
C HIS A 479 34.27 -16.48 52.48
N ARG A 480 34.06 -16.32 53.79
CA ARG A 480 35.16 -16.35 54.74
C ARG A 480 34.61 -16.72 56.11
N ASP A 481 35.52 -17.18 56.97
CA ASP A 481 35.16 -17.55 58.34
C ASP A 481 34.12 -18.66 58.35
N VAL A 493 24.39 -19.67 54.55
CA VAL A 493 24.02 -19.37 55.93
C VAL A 493 22.53 -19.10 56.02
N ASP A 494 21.97 -19.32 57.21
CA ASP A 494 20.56 -19.08 57.47
C ASP A 494 20.41 -17.93 58.46
N PHE A 495 19.42 -17.08 58.22
CA PHE A 495 19.15 -15.92 59.06
C PHE A 495 18.06 -16.20 60.10
N SER A 496 17.98 -17.43 60.58
CA SER A 496 16.96 -17.78 61.57
C SER A 496 17.08 -16.94 62.84
N TRP A 497 18.26 -16.40 63.12
CA TRP A 497 18.43 -15.56 64.32
C TRP A 497 17.52 -14.34 64.27
N ASN A 498 17.22 -13.83 63.08
CA ASN A 498 16.38 -12.65 62.92
C ASN A 498 14.98 -13.08 62.52
N THR A 499 13.99 -12.61 63.28
CA THR A 499 12.60 -12.95 62.99
C THR A 499 12.16 -12.38 61.65
N TYR A 500 12.53 -11.14 61.36
CA TYR A 500 12.12 -10.50 60.11
C TYR A 500 12.73 -11.14 58.89
N ALA A 501 13.83 -11.89 59.04
CA ALA A 501 14.56 -12.41 57.90
C ALA A 501 13.74 -13.46 57.16
N ASP A 502 14.09 -13.64 55.88
CA ASP A 502 13.49 -14.65 55.03
C ASP A 502 14.58 -15.37 54.26
N GLY A 503 14.29 -16.61 53.87
CA GLY A 503 15.24 -17.43 53.16
C GLY A 503 15.37 -17.13 51.68
N LYS A 504 14.59 -16.18 51.15
CA LYS A 504 14.68 -15.85 49.74
C LYS A 504 16.07 -15.34 49.37
N LEU A 505 16.77 -14.72 50.31
CA LEU A 505 18.10 -14.16 50.07
C LEU A 505 19.15 -15.22 50.38
N ALA A 506 19.96 -15.57 49.38
CA ALA A 506 21.05 -16.53 49.55
C ALA A 506 22.33 -15.73 49.78
N PHE A 507 22.88 -15.83 51.00
CA PHE A 507 24.06 -15.07 51.40
C PHE A 507 25.06 -16.03 52.03
N TYR A 508 26.33 -15.92 51.62
CA TYR A 508 27.42 -16.71 52.19
C TYR A 508 28.54 -15.75 52.57
N ASP A 509 28.41 -15.15 53.77
CA ASP A 509 29.47 -14.33 54.34
C ASP A 509 29.32 -14.40 55.86
N HIS A 510 30.07 -15.30 56.48
CA HIS A 510 29.92 -15.52 57.92
C HIS A 510 30.33 -14.28 58.71
N TYR A 511 31.53 -13.76 58.43
CA TYR A 511 32.12 -12.73 59.29
C TYR A 511 31.15 -11.58 59.51
N LEU A 512 30.55 -11.06 58.44
CA LEU A 512 29.59 -9.97 58.59
C LEU A 512 28.33 -10.42 59.34
N ILE A 513 28.00 -11.71 59.26
CA ILE A 513 26.76 -12.19 59.88
C ILE A 513 26.89 -12.17 61.40
N GLU A 514 27.98 -12.72 61.95
CA GLU A 514 28.18 -12.60 63.39
C GLU A 514 28.50 -11.16 63.79
N GLN A 515 29.23 -10.43 62.95
CA GLN A 515 29.56 -9.05 63.28
C GLN A 515 28.30 -8.19 63.40
N ILE A 516 27.37 -8.33 62.45
CA ILE A 516 26.11 -7.60 62.55
C ILE A 516 25.23 -8.20 63.64
N GLN A 517 25.31 -9.53 63.83
CA GLN A 517 24.53 -10.17 64.89
C GLN A 517 25.05 -9.78 66.26
N SER A 518 26.36 -9.83 66.46
CA SER A 518 26.99 -9.53 67.74
C SER A 518 28.25 -8.70 67.50
N GLY A 519 28.63 -7.91 68.49
CA GLY A 519 29.78 -7.04 68.35
C GLY A 519 29.60 -6.02 67.25
N LYS A 520 28.41 -5.44 67.16
CA LYS A 520 28.11 -4.49 66.09
C LYS A 520 28.97 -3.24 66.23
N GLU A 521 29.31 -2.65 65.09
CA GLU A 521 30.10 -1.44 64.99
C GLU A 521 29.27 -0.30 64.41
N PRO A 522 29.63 0.95 64.70
CA PRO A 522 28.86 2.07 64.15
C PRO A 522 28.87 2.12 62.63
N GLU A 523 29.85 1.51 61.99
CA GLU A 523 29.92 1.55 60.53
C GLU A 523 28.82 0.70 59.90
N VAL A 524 28.76 -0.58 60.26
CA VAL A 524 27.75 -1.46 59.70
C VAL A 524 26.36 -1.03 60.12
N ARG A 525 26.22 -0.54 61.36
CA ARG A 525 24.92 -0.05 61.82
C ARG A 525 24.45 1.10 60.95
N GLN A 526 25.33 2.07 60.69
CA GLN A 526 24.95 3.21 59.86
C GLN A 526 24.66 2.78 58.43
N PHE A 527 25.48 1.90 57.87
CA PHE A 527 25.32 1.50 56.47
C PHE A 527 23.97 0.80 56.25
N PHE A 528 23.67 -0.21 57.06
CA PHE A 528 22.40 -0.92 56.93
C PHE A 528 21.23 -0.01 57.28
N PHE A 529 21.41 0.86 58.28
CA PHE A 529 20.35 1.80 58.63
C PHE A 529 20.01 2.71 57.46
N LEU A 530 21.02 3.14 56.71
CA LEU A 530 20.77 3.99 55.55
C LEU A 530 19.91 3.27 54.52
N LEU A 531 20.20 2.01 54.25
CA LEU A 531 19.45 1.27 53.25
C LEU A 531 17.97 1.16 53.62
N ALA A 532 17.66 1.18 54.92
CA ALA A 532 16.30 1.07 55.40
C ALA A 532 15.71 2.41 55.82
N VAL A 533 16.38 3.52 55.50
CA VAL A 533 15.87 4.85 55.82
C VAL A 533 15.80 5.70 54.56
N CYS A 534 16.86 5.67 53.75
CA CYS A 534 16.88 6.42 52.50
C CYS A 534 15.90 5.87 51.47
N HIS A 535 15.33 4.69 51.72
CA HIS A 535 14.37 4.07 50.83
C HIS A 535 13.18 4.99 50.58
N THR A 536 12.35 4.59 49.61
CA THR A 536 11.05 5.20 49.39
C THR A 536 9.99 4.14 49.11
N VAL A 537 10.21 2.91 49.57
CA VAL A 537 9.30 1.80 49.27
C VAL A 537 8.12 1.84 50.22
N MET A 538 6.91 1.75 49.66
CA MET A 538 5.72 1.59 50.46
C MET A 538 5.70 0.20 51.11
N VAL A 539 5.14 0.13 52.31
CA VAL A 539 5.22 -1.08 53.14
C VAL A 539 3.82 -1.46 53.60
N ASP A 540 3.61 -2.78 53.74
CA ASP A 540 2.36 -3.33 54.23
C ASP A 540 2.67 -4.38 55.30
N ARG A 541 1.79 -4.48 56.29
CA ARG A 541 1.97 -5.40 57.40
C ARG A 541 0.75 -6.28 57.68
N THR A 542 -0.33 -6.14 56.90
CA THR A 542 -1.53 -6.91 57.17
C THR A 542 -1.28 -8.41 57.02
N ASP A 543 -0.51 -8.80 55.99
CA ASP A 543 -0.23 -10.21 55.77
C ASP A 543 0.60 -10.83 56.87
N GLY A 544 1.32 -10.02 57.65
CA GLY A 544 2.15 -10.51 58.73
C GLY A 544 3.58 -10.81 58.34
N GLN A 545 3.90 -10.80 57.04
CA GLN A 545 5.26 -11.01 56.56
C GLN A 545 5.98 -9.70 56.27
N LEU A 546 5.36 -8.55 56.54
CA LEU A 546 5.96 -7.25 56.25
C LEU A 546 6.28 -7.14 54.77
N ASN A 547 5.24 -7.18 53.95
CA ASN A 547 5.40 -7.13 52.51
C ASN A 547 5.87 -5.76 52.05
N TYR A 548 6.53 -5.73 50.89
CA TYR A 548 7.05 -4.51 50.31
C TYR A 548 6.59 -4.38 48.87
N GLN A 549 6.42 -3.14 48.43
CA GLN A 549 6.01 -2.83 47.06
C GLN A 549 6.78 -1.59 46.63
N ALA A 550 7.89 -1.78 45.92
CA ALA A 550 8.81 -0.71 45.57
C ALA A 550 8.63 -0.33 44.10
N ALA A 551 8.52 0.98 43.84
CA ALA A 551 8.47 1.46 42.47
C ALA A 551 9.84 1.39 41.79
N SER A 552 10.92 1.47 42.57
CA SER A 552 12.27 1.37 42.04
C SER A 552 12.85 0.01 42.42
N PRO A 553 13.20 -0.86 41.47
CA PRO A 553 13.77 -2.16 41.86
C PRO A 553 14.98 -2.05 42.76
N ASP A 554 15.81 -1.03 42.57
CA ASP A 554 16.99 -0.86 43.42
C ASP A 554 16.58 -0.67 44.88
N GLU A 555 15.57 0.17 45.12
CA GLU A 555 15.14 0.42 46.50
C GLU A 555 14.48 -0.81 47.10
N GLY A 556 13.59 -1.46 46.35
CA GLY A 556 12.90 -2.61 46.88
C GLY A 556 13.83 -3.74 47.26
N ALA A 557 14.77 -4.07 46.37
CA ALA A 557 15.71 -5.14 46.65
C ALA A 557 16.65 -4.76 47.80
N LEU A 558 17.10 -3.51 47.84
CA LEU A 558 18.00 -3.09 48.92
C LEU A 558 17.31 -3.19 50.27
N VAL A 559 16.07 -2.72 50.36
CA VAL A 559 15.34 -2.85 51.62
C VAL A 559 15.00 -4.31 51.90
N ASN A 560 14.62 -5.05 50.86
CA ASN A 560 14.39 -6.48 51.05
C ASN A 560 15.63 -7.20 51.54
N ALA A 561 16.81 -6.71 51.15
CA ALA A 561 18.06 -7.25 51.67
C ALA A 561 18.35 -6.73 53.08
N ALA A 562 18.02 -5.47 53.35
CA ALA A 562 18.27 -4.90 54.67
C ALA A 562 17.45 -5.61 55.73
N ARG A 563 16.18 -5.91 55.45
CA ARG A 563 15.35 -6.59 56.43
C ARG A 563 15.89 -7.97 56.77
N ASN A 564 16.61 -8.60 55.84
CA ASN A 564 17.14 -9.93 56.07
C ASN A 564 18.20 -9.96 57.17
N PHE A 565 18.72 -8.80 57.57
CA PHE A 565 19.75 -8.71 58.60
C PHE A 565 19.26 -8.00 59.86
N GLY A 566 17.95 -7.85 60.03
CA GLY A 566 17.38 -7.25 61.21
C GLY A 566 17.00 -5.79 61.06
N PHE A 567 17.56 -5.09 60.08
CA PHE A 567 17.21 -3.69 59.83
C PHE A 567 15.98 -3.65 58.94
N ALA A 568 14.83 -3.94 59.56
CA ALA A 568 13.56 -4.04 58.86
C ALA A 568 12.78 -2.74 59.01
N PHE A 569 12.27 -2.23 57.89
CA PHE A 569 11.43 -1.03 57.88
C PHE A 569 9.97 -1.45 57.97
N LEU A 570 9.30 -1.03 59.04
CA LEU A 570 7.94 -1.50 59.31
C LEU A 570 6.87 -0.57 58.71
N ALA A 571 6.91 0.71 59.09
CA ALA A 571 5.86 1.64 58.69
C ALA A 571 6.43 3.05 58.63
N ARG A 572 5.73 3.91 57.91
CA ARG A 572 6.12 5.31 57.76
C ARG A 572 4.88 6.19 57.80
N THR A 573 5.02 7.38 58.38
CA THR A 573 3.96 8.37 58.36
C THR A 573 4.54 9.74 58.01
N GLN A 574 3.71 10.79 58.11
CA GLN A 574 4.15 12.11 57.68
C GLN A 574 5.31 12.62 58.51
N ASN A 575 5.28 12.38 59.83
CA ASN A 575 6.24 12.99 60.75
C ASN A 575 7.20 12.00 61.39
N THR A 576 7.00 10.70 61.21
CA THR A 576 7.84 9.71 61.87
C THR A 576 7.93 8.47 61.00
N ILE A 577 8.74 7.51 61.46
CA ILE A 577 8.90 6.21 60.83
C ILE A 577 8.74 5.14 61.90
N THR A 578 8.86 3.88 61.48
CA THR A 578 8.76 2.75 62.40
C THR A 578 9.83 1.71 62.08
N ILE A 579 11.05 2.17 61.81
CA ILE A 579 12.15 1.25 61.53
C ILE A 579 12.48 0.44 62.79
N SER A 580 12.97 -0.78 62.58
CA SER A 580 13.38 -1.66 63.66
C SER A 580 14.80 -2.13 63.42
N GLU A 581 15.55 -2.34 64.51
CA GLU A 581 16.94 -2.77 64.45
C GLU A 581 17.11 -3.95 65.40
N LEU A 582 17.14 -5.16 64.84
CA LEU A 582 17.34 -6.39 65.61
C LEU A 582 16.33 -6.49 66.74
N GLY A 583 15.07 -6.16 66.43
CA GLY A 583 14.01 -6.18 67.42
C GLY A 583 13.92 -4.94 68.27
N THR A 584 14.82 -3.98 68.10
CA THR A 584 14.79 -2.72 68.85
C THR A 584 14.05 -1.70 67.99
N GLU A 585 12.73 -1.66 68.13
CA GLU A 585 11.89 -0.76 67.35
C GLU A 585 12.11 0.67 67.82
N ARG A 586 12.91 1.41 67.06
CA ARG A 586 13.22 2.80 67.37
C ARG A 586 12.56 3.69 66.33
N THR A 587 11.74 4.63 66.79
CA THR A 587 10.98 5.51 65.92
C THR A 587 11.73 6.83 65.76
N TYR A 588 11.93 7.24 64.52
CA TYR A 588 12.61 8.49 64.20
C TYR A 588 11.60 9.52 63.71
N ASN A 589 12.09 10.76 63.55
CA ASN A 589 11.29 11.87 63.05
C ASN A 589 11.82 12.29 61.69
N VAL A 590 10.92 12.34 60.70
CA VAL A 590 11.27 12.73 59.34
C VAL A 590 10.98 14.21 59.17
N LEU A 591 11.96 14.94 58.64
CA LEU A 591 11.85 16.38 58.42
C LEU A 591 11.82 16.75 56.95
N ALA A 592 12.72 16.20 56.15
CA ALA A 592 12.78 16.50 54.73
C ALA A 592 13.37 15.32 53.98
N ILE A 593 12.90 15.11 52.76
CA ILE A 593 13.42 14.09 51.86
C ILE A 593 13.83 14.77 50.56
N LEU A 594 15.11 14.65 50.21
CA LEU A 594 15.60 15.22 48.96
C LEU A 594 15.28 14.24 47.84
N ASP A 595 14.32 14.62 46.99
CA ASP A 595 13.77 13.70 46.00
C ASP A 595 14.85 13.33 44.98
N PHE A 596 14.59 12.27 44.22
CA PHE A 596 15.51 11.72 43.25
C PHE A 596 14.94 11.86 41.84
N ASN A 597 15.82 12.14 40.89
CA ASN A 597 15.46 12.13 39.47
C ASN A 597 16.72 11.83 38.68
N SER A 598 16.53 11.59 37.38
CA SER A 598 17.66 11.27 36.51
C SER A 598 18.71 12.37 36.51
N ASP A 599 18.32 13.62 36.77
CA ASP A 599 19.29 14.72 36.80
C ASP A 599 20.13 14.67 38.08
N ARG A 600 19.48 14.54 39.23
CA ARG A 600 20.21 14.51 40.49
C ARG A 600 21.13 13.30 40.57
N LYS A 601 20.63 12.13 40.16
CA LYS A 601 21.38 10.87 40.19
C LYS A 601 21.77 10.47 41.61
N ARG A 602 21.14 11.05 42.63
CA ARG A 602 21.39 10.62 44.00
C ARG A 602 20.26 11.11 44.89
N MET A 603 19.93 10.30 45.89
CA MET A 603 18.84 10.57 46.81
C MET A 603 19.40 10.81 48.20
N SER A 604 18.67 11.62 48.98
CA SER A 604 19.08 11.93 50.33
C SER A 604 17.85 12.14 51.19
N ILE A 605 18.02 11.95 52.50
CA ILE A 605 16.95 12.06 53.48
C ILE A 605 17.50 12.71 54.73
N ILE A 606 16.70 13.59 55.34
CA ILE A 606 17.03 14.24 56.60
C ILE A 606 16.12 13.67 57.67
N VAL A 607 16.72 13.16 58.74
CA VAL A 607 15.97 12.51 59.82
C VAL A 607 16.55 12.98 61.15
N ARG A 608 15.68 13.26 62.10
CA ARG A 608 16.06 13.67 63.45
C ARG A 608 15.92 12.48 64.39
N THR A 609 17.01 12.11 65.05
CA THR A 609 16.97 10.99 65.97
C THR A 609 16.26 11.38 67.26
N PRO A 610 15.76 10.42 68.02
CA PRO A 610 15.19 10.76 69.34
C PRO A 610 16.19 11.44 70.25
N GLU A 611 17.48 11.16 70.08
CA GLU A 611 18.50 11.88 70.85
C GLU A 611 18.47 13.37 70.57
N GLY A 612 18.00 13.78 69.39
CA GLY A 612 17.93 15.16 69.01
C GLY A 612 18.95 15.61 67.99
N ASN A 613 19.73 14.70 67.41
CA ASN A 613 20.72 15.05 66.40
C ASN A 613 20.09 14.96 65.01
N ILE A 614 20.46 15.91 64.15
CA ILE A 614 19.95 15.96 62.78
C ILE A 614 20.96 15.20 61.92
N LYS A 615 20.60 13.98 61.54
CA LYS A 615 21.46 13.13 60.73
C LYS A 615 20.93 13.09 59.31
N LEU A 616 21.79 13.39 58.34
CA LEU A 616 21.44 13.40 56.92
C LEU A 616 22.07 12.19 56.26
N TYR A 617 21.24 11.37 55.62
CA TYR A 617 21.68 10.20 54.87
C TYR A 617 21.54 10.48 53.37
N CYS A 618 22.42 9.88 52.59
CA CYS A 618 22.44 10.10 51.15
C CYS A 618 22.96 8.86 50.44
N LYS A 619 22.48 8.65 49.23
CA LYS A 619 22.94 7.55 48.39
C LYS A 619 22.71 7.92 46.93
N GLY A 620 23.43 7.22 46.06
CA GLY A 620 23.34 7.45 44.63
C GLY A 620 24.63 7.08 43.94
N ALA A 621 24.77 7.56 42.71
CA ALA A 621 25.96 7.29 41.92
C ALA A 621 27.18 7.92 42.57
N ASP A 622 28.29 7.19 42.56
CA ASP A 622 29.53 7.68 43.15
C ASP A 622 30.04 8.93 42.43
N THR A 623 29.72 9.07 41.15
CA THR A 623 30.25 10.20 40.38
C THR A 623 29.76 11.53 40.95
N VAL A 624 28.47 11.63 41.28
CA VAL A 624 27.93 12.88 41.81
C VAL A 624 28.11 13.00 43.32
N ILE A 625 28.42 11.91 44.02
CA ILE A 625 28.59 11.95 45.46
C ILE A 625 30.04 12.21 45.84
N TYR A 626 30.99 11.65 45.08
CA TYR A 626 32.40 11.84 45.42
C TYR A 626 32.81 13.30 45.30
N GLU A 627 32.24 14.03 44.34
CA GLU A 627 32.59 15.44 44.17
C GLU A 627 32.19 16.27 45.38
N ARG A 628 31.24 15.80 46.20
CA ARG A 628 30.75 16.53 47.36
C ARG A 628 31.20 15.87 48.67
N LEU A 629 32.32 15.16 48.63
CA LEU A 629 32.83 14.51 49.83
C LEU A 629 33.63 15.51 50.68
N HIS A 630 33.88 15.11 51.93
CA HIS A 630 34.69 15.93 52.82
C HIS A 630 36.17 15.81 52.43
N ARG A 631 36.95 16.81 52.88
CA ARG A 631 38.38 16.80 52.61
C ARG A 631 39.06 15.60 53.25
N MET A 632 38.66 15.26 54.48
CA MET A 632 39.21 14.12 55.19
C MET A 632 38.39 12.89 54.84
N ASN A 633 39.00 11.96 54.09
CA ASN A 633 38.34 10.73 53.70
C ASN A 633 39.38 9.68 53.32
N PRO A 634 40.04 9.05 54.31
CA PRO A 634 41.08 8.07 53.97
C PRO A 634 40.55 6.86 53.22
N THR A 635 39.26 6.57 53.30
CA THR A 635 38.67 5.41 52.63
C THR A 635 38.25 5.71 51.20
N LYS A 636 38.48 6.93 50.71
CA LYS A 636 38.03 7.28 49.37
C LYS A 636 38.75 6.44 48.31
N GLN A 637 40.06 6.25 48.46
CA GLN A 637 40.85 5.62 47.41
C GLN A 637 40.45 4.16 47.21
N GLU A 638 40.62 3.33 48.24
CA GLU A 638 40.32 1.92 48.10
C GLU A 638 38.83 1.67 47.87
N THR A 639 37.97 2.60 48.29
CA THR A 639 36.55 2.49 47.97
C THR A 639 36.31 2.57 46.47
N GLN A 640 37.03 3.47 45.79
CA GLN A 640 36.97 3.50 44.33
C GLN A 640 37.42 2.17 43.74
N ASP A 641 38.50 1.60 44.27
CA ASP A 641 38.92 0.28 43.85
C ASP A 641 37.83 -0.75 44.14
N ALA A 642 37.22 -0.66 45.32
CA ALA A 642 36.11 -1.55 45.64
C ALA A 642 34.97 -1.37 44.64
N LEU A 643 34.58 -0.12 44.38
CA LEU A 643 33.52 0.14 43.42
C LEU A 643 33.84 -0.46 42.06
N ASP A 644 35.09 -0.31 41.61
CA ASP A 644 35.50 -0.90 40.34
C ASP A 644 35.41 -2.42 40.40
N ILE A 645 35.73 -3.01 41.56
CA ILE A 645 35.70 -4.46 41.68
C ILE A 645 34.29 -5.00 41.47
N PHE A 646 33.29 -4.36 42.08
CA PHE A 646 31.92 -4.83 41.92
C PHE A 646 31.45 -4.70 40.48
N ALA A 647 31.79 -3.60 39.82
CA ALA A 647 31.35 -3.40 38.44
C ALA A 647 31.95 -4.43 37.50
N ASN A 648 33.07 -5.04 37.85
CA ASN A 648 33.71 -6.02 36.97
C ASN A 648 32.82 -7.24 36.73
N GLU A 649 31.85 -7.49 37.61
CA GLU A 649 30.95 -8.63 37.49
C GLU A 649 29.52 -8.20 37.15
N THR A 650 29.36 -7.00 36.59
CA THR A 650 28.05 -6.49 36.19
C THR A 650 27.12 -6.32 37.39
N LEU A 651 27.63 -5.66 38.44
CA LEU A 651 26.85 -5.34 39.63
C LEU A 651 26.70 -3.83 39.71
N ARG A 652 25.46 -3.37 39.80
CA ARG A 652 25.21 -1.94 39.97
C ARG A 652 25.64 -1.49 41.35
N THR A 653 26.33 -0.35 41.41
CA THR A 653 26.88 0.17 42.65
C THR A 653 26.21 1.51 42.98
N LEU A 654 25.75 1.64 44.23
CA LEU A 654 25.17 2.87 44.74
C LEU A 654 26.00 3.33 45.93
N CYS A 655 26.77 4.39 45.75
CA CYS A 655 27.58 4.93 46.83
C CYS A 655 26.70 5.56 47.90
N LEU A 656 27.18 5.54 49.13
CA LEU A 656 26.51 6.15 50.27
C LEU A 656 27.38 7.25 50.86
N CYS A 657 26.78 7.98 51.82
CA CYS A 657 27.49 8.99 52.58
C CYS A 657 26.51 9.56 53.60
N TYR A 658 27.05 10.28 54.58
CA TYR A 658 26.24 10.90 55.61
C TYR A 658 26.96 12.14 56.14
N LYS A 659 26.20 12.99 56.82
CA LYS A 659 26.76 14.21 57.39
C LYS A 659 25.87 14.64 58.56
N GLU A 660 26.42 15.53 59.37
CA GLU A 660 25.72 16.11 60.50
C GLU A 660 25.52 17.61 60.28
N ILE A 661 24.38 18.11 60.75
CA ILE A 661 24.02 19.51 60.58
C ILE A 661 23.94 20.16 61.95
N GLU A 662 24.62 21.29 62.12
CA GLU A 662 24.56 22.01 63.38
C GLU A 662 23.17 22.56 63.61
N GLU A 663 22.74 22.56 64.88
CA GLU A 663 21.41 23.05 65.20
C GLU A 663 21.27 24.53 64.86
N LYS A 664 22.30 25.33 65.14
CA LYS A 664 22.22 26.77 64.91
C LYS A 664 22.02 27.08 63.43
N GLU A 665 22.79 26.43 62.55
CA GLU A 665 22.68 26.69 61.13
C GLU A 665 21.47 26.02 60.50
N PHE A 666 20.88 25.02 61.17
CA PHE A 666 19.75 24.31 60.58
C PHE A 666 18.48 25.14 60.64
N THR A 667 18.33 25.99 61.66
CA THR A 667 17.10 26.75 61.82
C THR A 667 16.82 27.63 60.61
N GLU A 668 17.80 28.43 60.20
CA GLU A 668 17.61 29.29 59.03
C GLU A 668 17.43 28.45 57.77
N TRP A 669 18.22 27.38 57.62
CA TRP A 669 18.09 26.54 56.44
C TRP A 669 16.73 25.85 56.40
N ASN A 670 16.27 25.34 57.55
CA ASN A 670 14.97 24.70 57.60
C ASN A 670 13.86 25.68 57.24
N LYS A 671 13.94 26.90 57.75
CA LYS A 671 12.97 27.92 57.37
C LYS A 671 13.03 28.20 55.87
N LYS A 672 14.25 28.27 55.31
CA LYS A 672 14.39 28.46 53.88
C LYS A 672 13.85 27.25 53.12
N PHE A 673 14.09 26.04 53.63
CA PHE A 673 13.54 24.85 53.00
C PHE A 673 12.02 24.91 52.94
N MET A 674 11.38 25.27 54.06
CA MET A 674 9.94 25.43 54.07
C MET A 674 9.51 26.56 53.14
N ALA A 675 10.27 27.66 53.15
CA ALA A 675 9.98 28.77 52.25
C ALA A 675 10.17 28.38 50.78
N ALA A 676 10.98 27.36 50.51
CA ALA A 676 11.16 26.93 49.12
C ALA A 676 9.87 26.43 48.51
N SER A 677 8.97 25.89 49.34
CA SER A 677 7.66 25.44 48.86
C SER A 677 6.74 26.65 48.72
N VAL A 678 7.01 27.44 47.69
CA VAL A 678 6.27 28.65 47.42
C VAL A 678 5.23 28.43 46.30
N ALA A 679 4.89 27.18 46.03
CA ALA A 679 3.93 26.85 44.98
C ALA A 679 4.45 27.29 43.62
N SER A 680 3.58 27.34 42.62
CA SER A 680 3.96 27.77 41.27
C SER A 680 5.05 26.86 40.72
N THR A 681 5.69 27.28 39.62
CA THR A 681 6.77 26.51 39.03
C THR A 681 8.07 26.65 39.81
N ASN A 682 8.12 27.52 40.82
CA ASN A 682 9.37 27.74 41.55
C ASN A 682 9.92 26.45 42.13
N ARG A 683 9.05 25.50 42.49
CA ARG A 683 9.50 24.26 43.12
C ARG A 683 10.40 23.44 42.21
N ASP A 684 10.40 23.71 40.90
CA ASP A 684 11.25 22.95 40.00
C ASP A 684 12.73 23.19 40.30
N GLU A 685 13.10 24.44 40.61
CA GLU A 685 14.47 24.79 40.91
C GLU A 685 14.67 25.39 42.29
N ALA A 686 13.62 25.96 42.91
CA ALA A 686 13.77 26.51 44.25
C ALA A 686 14.17 25.43 45.24
N LEU A 687 13.58 24.24 45.12
CA LEU A 687 14.01 23.12 45.96
C LEU A 687 15.46 22.78 45.72
N ASP A 688 15.89 22.78 44.45
CA ASP A 688 17.27 22.45 44.14
C ASP A 688 18.24 23.44 44.78
N LYS A 689 17.92 24.73 44.76
CA LYS A 689 18.76 25.72 45.41
C LYS A 689 18.98 25.36 46.88
N VAL A 690 17.94 24.84 47.53
CA VAL A 690 18.10 24.36 48.90
C VAL A 690 18.95 23.09 48.93
N TYR A 691 18.81 22.23 47.92
CA TYR A 691 19.54 20.96 47.93
C TYR A 691 21.04 21.20 47.88
N GLU A 692 21.51 22.06 46.98
CA GLU A 692 22.94 22.27 46.81
C GLU A 692 23.54 23.16 47.89
N GLU A 693 22.74 23.98 48.56
CA GLU A 693 23.28 24.87 49.58
C GLU A 693 23.59 24.16 50.88
N ILE A 694 23.12 22.92 51.07
CA ILE A 694 23.39 22.15 52.27
C ILE A 694 24.42 21.05 52.01
N GLU A 695 24.36 20.42 50.83
CA GLU A 695 25.26 19.32 50.50
C GLU A 695 26.62 19.90 50.13
N LYS A 696 27.42 20.13 51.17
CA LYS A 696 28.78 20.67 51.02
C LYS A 696 29.84 19.67 51.46
N ASP A 697 29.72 19.11 52.65
CA ASP A 697 30.65 18.13 53.18
C ASP A 697 29.88 16.85 53.51
N LEU A 698 30.39 15.72 53.04
CA LEU A 698 29.75 14.43 53.23
C LEU A 698 30.78 13.41 53.70
N ILE A 699 30.36 12.56 54.64
CA ILE A 699 31.22 11.53 55.22
C ILE A 699 30.92 10.22 54.51
N LEU A 700 31.91 9.68 53.82
CA LEU A 700 31.72 8.45 53.06
C LEU A 700 31.42 7.28 53.99
N LEU A 701 30.55 6.37 53.54
CA LEU A 701 30.20 5.16 54.25
C LEU A 701 30.61 3.91 53.49
N GLY A 702 30.19 3.79 52.23
CA GLY A 702 30.50 2.61 51.44
C GLY A 702 29.70 2.61 50.16
N ALA A 703 29.61 1.42 49.56
CA ALA A 703 28.86 1.22 48.33
C ALA A 703 28.20 -0.14 48.36
N THR A 704 27.08 -0.24 47.66
CA THR A 704 26.32 -1.47 47.56
C THR A 704 26.68 -2.23 46.29
N ALA A 705 26.25 -3.48 46.23
CA ALA A 705 26.45 -4.33 45.06
C ALA A 705 25.19 -5.15 44.85
N ILE A 706 24.56 -4.99 43.69
CA ILE A 706 23.30 -5.64 43.38
C ILE A 706 23.40 -6.26 42.00
N GLU A 707 22.67 -7.36 41.81
CA GLU A 707 22.80 -8.19 40.61
C GLU A 707 21.56 -8.05 39.74
N ASP A 708 21.79 -7.73 38.47
CA ASP A 708 20.76 -7.82 37.43
C ASP A 708 21.26 -8.75 36.33
N LYS A 709 20.33 -9.48 35.71
CA LYS A 709 20.66 -10.54 34.78
C LYS A 709 19.99 -10.27 33.43
N LEU A 710 20.73 -10.53 32.36
CA LEU A 710 20.22 -10.30 31.02
C LEU A 710 18.96 -11.12 30.79
N GLN A 711 18.00 -10.52 30.09
CA GLN A 711 16.79 -11.25 29.75
C GLN A 711 17.12 -12.48 28.93
N ASP A 712 16.17 -13.41 28.85
CA ASP A 712 16.38 -14.64 28.11
C ASP A 712 16.51 -14.34 26.62
N GLY A 713 17.50 -14.96 25.98
CA GLY A 713 17.65 -14.84 24.54
C GLY A 713 17.96 -13.44 24.05
N VAL A 714 18.59 -12.62 24.88
CA VAL A 714 19.10 -11.32 24.44
C VAL A 714 20.39 -11.51 23.66
N PRO A 715 21.37 -12.27 24.17
CA PRO A 715 22.57 -12.52 23.35
C PRO A 715 22.25 -13.12 21.99
N GLU A 716 21.24 -13.98 21.91
CA GLU A 716 20.80 -14.47 20.61
C GLU A 716 20.26 -13.34 19.74
N THR A 717 19.46 -12.45 20.33
CA THR A 717 18.86 -11.37 19.57
C THR A 717 19.90 -10.35 19.13
N ILE A 718 20.76 -9.92 20.05
CA ILE A 718 21.75 -8.91 19.71
C ILE A 718 22.68 -9.41 18.62
N SER A 719 23.00 -10.71 18.65
CA SER A 719 23.77 -11.30 17.55
C SER A 719 22.94 -11.41 16.29
N LYS A 720 21.66 -11.81 16.43
CA LYS A 720 20.81 -11.99 15.27
C LYS A 720 20.59 -10.68 14.53
N LEU A 721 20.19 -9.63 15.26
CA LEU A 721 19.91 -8.36 14.62
C LEU A 721 21.15 -7.78 13.96
N ALA A 722 22.32 -7.94 14.59
CA ALA A 722 23.55 -7.44 13.98
C ALA A 722 23.82 -8.11 12.64
N LYS A 723 23.35 -9.34 12.45
CA LYS A 723 23.51 -10.00 11.16
C LYS A 723 22.71 -9.30 10.08
N ALA A 724 21.62 -8.62 10.45
CA ALA A 724 20.82 -7.85 9.51
C ALA A 724 21.34 -6.42 9.35
N ASP A 725 22.59 -6.16 9.74
CA ASP A 725 23.21 -4.85 9.59
C ASP A 725 22.41 -3.75 10.28
N ILE A 726 21.89 -4.07 11.47
CA ILE A 726 21.28 -3.07 12.35
C ILE A 726 22.31 -2.74 13.42
N LYS A 727 22.79 -1.50 13.43
CA LYS A 727 23.82 -1.09 14.38
C LYS A 727 23.15 -0.82 15.73
N ILE A 728 23.47 -1.65 16.71
CA ILE A 728 22.83 -1.58 18.02
C ILE A 728 23.59 -0.58 18.87
N TRP A 729 22.99 0.59 19.08
CA TRP A 729 23.46 1.53 20.09
C TRP A 729 22.69 1.30 21.37
N VAL A 730 23.39 1.32 22.50
CA VAL A 730 22.76 1.17 23.80
C VAL A 730 23.03 2.44 24.61
N LEU A 731 21.96 3.04 25.10
CA LEU A 731 22.02 4.28 25.86
C LEU A 731 21.61 3.95 27.30
N THR A 732 22.58 4.01 28.21
CA THR A 732 22.38 3.60 29.59
C THR A 732 22.92 4.66 30.53
N GLY A 733 22.14 4.97 31.57
CA GLY A 733 22.57 5.87 32.61
C GLY A 733 23.42 5.24 33.69
N ASP A 734 23.67 3.94 33.61
CA ASP A 734 24.47 3.26 34.62
C ASP A 734 25.95 3.59 34.44
N LYS A 735 26.76 3.05 35.34
CA LYS A 735 28.16 3.41 35.41
C LYS A 735 28.88 3.06 34.11
N LYS A 736 30.10 3.60 33.98
CA LYS A 736 30.92 3.32 32.82
C LYS A 736 31.28 1.84 32.73
N GLU A 737 31.64 1.24 33.86
CA GLU A 737 32.16 -0.12 33.84
C GLU A 737 31.05 -1.15 33.60
N THR A 738 29.90 -0.96 34.26
CA THR A 738 28.83 -1.94 34.13
C THR A 738 28.34 -2.05 32.69
N ALA A 739 28.17 -0.90 32.02
CA ALA A 739 27.71 -0.93 30.64
C ALA A 739 28.70 -1.65 29.73
N GLU A 740 29.99 -1.39 29.92
CA GLU A 740 31.00 -2.03 29.08
C GLU A 740 30.98 -3.54 29.24
N ASN A 741 30.86 -4.04 30.48
CA ASN A 741 30.85 -5.47 30.71
C ASN A 741 29.54 -6.09 30.25
N ILE A 742 28.42 -5.41 30.48
CA ILE A 742 27.13 -5.91 29.98
C ILE A 742 27.15 -5.99 28.47
N GLY A 743 27.80 -5.02 27.82
CA GLY A 743 27.97 -5.11 26.37
C GLY A 743 28.70 -6.38 25.97
N PHE A 744 29.73 -6.75 26.72
CA PHE A 744 30.43 -8.01 26.46
C PHE A 744 29.51 -9.20 26.73
N ALA A 745 28.70 -9.13 27.78
CA ALA A 745 27.88 -10.26 28.18
C ALA A 745 26.86 -10.63 27.10
N CYS A 746 26.21 -9.62 26.51
CA CYS A 746 25.14 -9.85 25.55
C CYS A 746 25.64 -9.95 24.12
N GLU A 747 26.93 -10.21 23.92
CA GLU A 747 27.56 -10.37 22.61
C GLU A 747 27.54 -9.10 21.78
N LEU A 748 27.11 -7.96 22.34
CA LEU A 748 27.15 -6.72 21.58
C LEU A 748 28.58 -6.34 21.23
N LEU A 749 29.51 -6.51 22.18
CA LEU A 749 30.92 -6.31 21.95
C LEU A 749 31.64 -7.64 22.17
N THR A 750 32.37 -8.09 21.14
CA THR A 750 33.12 -9.33 21.21
C THR A 750 34.59 -9.03 21.46
N GLU A 751 35.42 -10.07 21.41
CA GLU A 751 36.83 -9.91 21.69
C GLU A 751 37.57 -9.11 20.63
N ASP A 752 36.95 -8.85 19.48
CA ASP A 752 37.60 -8.12 18.39
C ASP A 752 37.43 -6.62 18.50
N THR A 753 36.74 -6.12 19.52
CA THR A 753 36.43 -4.70 19.62
C THR A 753 37.61 -3.93 20.18
N THR A 754 37.95 -2.83 19.52
CA THR A 754 38.96 -1.89 19.99
C THR A 754 38.23 -0.68 20.56
N ILE A 755 37.86 -0.76 21.84
CA ILE A 755 37.07 0.29 22.46
C ILE A 755 37.87 1.59 22.48
N CYS A 756 37.16 2.72 22.41
CA CYS A 756 37.76 4.03 22.56
C CYS A 756 36.81 4.91 23.36
N TYR A 757 37.37 5.91 24.02
CA TYR A 757 36.63 6.79 24.91
C TYR A 757 36.56 8.20 24.33
N GLY A 758 35.96 9.11 25.10
CA GLY A 758 35.75 10.46 24.62
C GLY A 758 37.06 11.18 24.30
N GLU A 759 38.08 10.97 25.12
CA GLU A 759 39.35 11.66 24.91
C GLU A 759 39.94 11.30 23.55
N ASP A 760 39.84 10.02 23.15
CA ASP A 760 40.31 9.63 21.83
C ASP A 760 39.50 10.34 20.75
N ILE A 761 38.17 10.38 20.90
CA ILE A 761 37.33 11.08 19.95
C ILE A 761 37.63 12.57 19.97
N ASN A 762 37.77 13.15 21.18
CA ASN A 762 37.97 14.58 21.29
C ASN A 762 39.25 15.03 20.59
N SER A 763 40.34 14.27 20.77
CA SER A 763 41.60 14.66 20.16
C SER A 763 41.50 14.64 18.63
N LEU A 764 40.83 13.63 18.07
CA LEU A 764 40.69 13.55 16.62
C LEU A 764 39.92 14.75 16.09
N LEU A 765 38.79 15.10 16.73
CA LEU A 765 37.96 16.19 16.23
C LEU A 765 38.71 17.52 16.28
N HIS A 766 39.40 17.80 17.39
CA HIS A 766 40.16 19.03 17.49
C HIS A 766 41.28 19.07 16.46
N ALA A 767 41.94 17.92 16.22
CA ALA A 767 43.05 17.89 15.28
C ALA A 767 42.60 18.25 13.87
N ARG A 768 41.47 17.67 13.43
CA ARG A 768 40.99 17.98 12.08
C ARG A 768 40.32 19.35 12.02
N MET A 769 39.63 19.75 13.09
CA MET A 769 38.93 21.03 13.10
C MET A 769 39.92 22.18 12.95
N GLU A 770 41.01 22.16 13.71
CA GLU A 770 42.00 23.23 13.63
C GLU A 770 42.70 23.22 12.28
N ASN A 771 42.99 22.04 11.74
CA ASN A 771 43.70 21.95 10.46
C ASN A 771 42.90 22.59 9.34
N GLN A 772 41.59 22.33 9.30
CA GLN A 772 40.74 22.86 8.24
C GLN A 772 40.41 24.34 8.44
N ARG A 773 40.61 24.89 9.62
CA ARG A 773 40.30 26.29 9.89
C ARG A 773 41.36 27.21 9.29
N GLY A 795 36.16 -4.61 11.57
CA GLY A 795 35.07 -5.51 11.88
C GLY A 795 34.13 -4.96 12.92
N ASN A 796 34.49 -5.13 14.19
CA ASN A 796 33.70 -4.65 15.32
C ASN A 796 34.49 -3.59 16.07
N ARG A 797 33.86 -2.44 16.30
CA ARG A 797 34.46 -1.36 17.07
C ARG A 797 33.38 -0.69 17.90
N ALA A 798 33.80 -0.03 18.98
CA ALA A 798 32.88 0.57 19.94
C ALA A 798 33.33 1.98 20.28
N LEU A 799 32.39 2.74 20.84
CA LEU A 799 32.59 4.12 21.29
C LEU A 799 32.11 4.29 22.73
N ILE A 800 32.63 3.45 23.62
CA ILE A 800 32.21 3.55 25.02
C ILE A 800 32.64 4.91 25.53
N ILE A 801 31.67 5.80 25.73
CA ILE A 801 31.92 7.18 26.14
C ILE A 801 30.93 7.58 27.21
N THR A 802 31.41 8.32 28.21
CA THR A 802 30.57 8.80 29.29
C THR A 802 29.72 9.98 28.81
N GLY A 803 28.61 10.21 29.51
CA GLY A 803 27.79 11.36 29.22
C GLY A 803 28.51 12.67 29.42
N SER A 804 29.39 12.74 30.42
CA SER A 804 30.17 13.96 30.63
C SER A 804 31.02 14.29 29.43
N TRP A 805 31.67 13.28 28.84
CA TRP A 805 32.48 13.50 27.65
C TRP A 805 31.61 13.67 26.40
N LEU A 806 30.35 13.26 26.46
CA LEU A 806 29.43 13.53 25.35
C LEU A 806 29.16 15.02 25.22
N ASN A 807 28.95 15.70 26.36
CA ASN A 807 28.69 17.13 26.32
C ASN A 807 29.95 17.93 26.02
N GLU A 808 31.10 17.48 26.54
CA GLU A 808 32.33 18.26 26.41
C GLU A 808 32.70 18.44 24.94
N ILE A 809 32.59 17.37 24.13
CA ILE A 809 32.92 17.49 22.72
C ILE A 809 31.91 18.38 22.00
N LEU A 810 30.64 18.33 22.40
CA LEU A 810 29.61 19.14 21.78
C LEU A 810 29.40 20.49 22.46
N LEU A 811 29.95 20.68 23.66
CA LEU A 811 29.83 21.93 24.40
C LEU A 811 28.37 22.34 24.55
N GLU A 812 27.62 21.48 25.24
CA GLU A 812 26.20 21.72 25.50
C GLU A 812 26.02 22.57 26.77
N THR A 836 26.19 39.38 16.82
CA THR A 836 25.49 38.84 15.66
C THR A 836 26.39 37.87 14.90
N GLN A 837 27.54 38.36 14.47
CA GLN A 837 28.49 37.51 13.74
C GLN A 837 28.99 36.37 14.62
N SER A 838 29.21 36.65 15.91
CA SER A 838 29.71 35.61 16.81
C SER A 838 28.71 34.46 16.93
N LYS A 839 27.41 34.78 17.02
CA LYS A 839 26.39 33.75 17.12
C LYS A 839 26.38 32.86 15.89
N ARG A 840 26.51 33.45 14.70
CA ARG A 840 26.54 32.66 13.48
C ARG A 840 27.73 31.72 13.46
N ARG A 841 28.90 32.21 13.89
CA ARG A 841 30.08 31.35 13.95
C ARG A 841 29.89 30.24 14.96
N LEU A 842 29.29 30.54 16.11
CA LEU A 842 29.02 29.50 17.10
C LEU A 842 28.11 28.43 16.54
N GLU A 843 27.05 28.85 15.82
CA GLU A 843 26.16 27.87 15.19
C GLU A 843 26.91 27.04 14.15
N ALA A 844 27.76 27.69 13.36
CA ALA A 844 28.56 26.96 12.38
C ALA A 844 29.47 25.96 13.07
N LYS A 845 30.09 26.37 14.19
CA LYS A 845 30.93 25.44 14.94
C LYS A 845 30.11 24.28 15.48
N LYS A 846 28.90 24.56 15.98
CA LYS A 846 28.05 23.50 16.53
C LYS A 846 27.75 22.44 15.48
N GLU A 847 27.36 22.87 14.28
CA GLU A 847 27.04 21.90 13.23
C GLU A 847 28.27 21.14 12.78
N GLN A 848 29.43 21.80 12.75
CA GLN A 848 30.65 21.15 12.27
C GLN A 848 31.05 19.99 13.17
N ARG A 849 31.16 20.25 14.48
CA ARG A 849 31.58 19.19 15.39
C ARG A 849 30.49 18.14 15.56
N GLN A 850 29.23 18.57 15.61
CA GLN A 850 28.13 17.62 15.74
C GLN A 850 28.09 16.68 14.55
N LYS A 851 28.27 17.21 13.34
CA LYS A 851 28.31 16.36 12.15
C LYS A 851 29.53 15.44 12.18
N ASN A 852 30.67 15.95 12.64
CA ASN A 852 31.86 15.12 12.71
C ASN A 852 31.67 13.97 13.69
N PHE A 853 30.98 14.22 14.80
CA PHE A 853 30.78 13.17 15.80
C PHE A 853 29.96 12.02 15.24
N VAL A 854 28.83 12.32 14.60
CA VAL A 854 27.96 11.26 14.09
C VAL A 854 28.67 10.45 13.03
N ASP A 855 29.33 11.12 12.08
CA ASP A 855 30.10 10.41 11.07
C ASP A 855 31.21 9.58 11.71
N LEU A 856 31.73 10.03 12.84
CA LEU A 856 32.71 9.23 13.58
C LEU A 856 32.04 8.10 14.34
N ALA A 857 30.78 8.26 14.75
CA ALA A 857 30.08 7.26 15.55
C ALA A 857 29.38 6.22 14.69
N CYS A 858 28.73 6.65 13.61
CA CYS A 858 28.03 5.70 12.74
C CYS A 858 28.98 4.81 11.96
N GLU A 859 30.28 5.11 11.95
CA GLU A 859 31.26 4.29 11.25
C GLU A 859 31.64 3.03 12.00
N CYS A 860 31.20 2.87 13.25
CA CYS A 860 31.54 1.72 14.07
C CYS A 860 30.28 0.92 14.41
N SER A 861 30.46 -0.40 14.54
CA SER A 861 29.34 -1.30 14.66
C SER A 861 28.51 -1.03 15.91
N ALA A 862 29.18 -0.80 17.04
CA ALA A 862 28.51 -0.66 18.33
C ALA A 862 28.88 0.66 18.96
N VAL A 863 28.02 1.12 19.86
CA VAL A 863 28.25 2.33 20.64
C VAL A 863 27.65 2.15 22.02
N ILE A 864 28.40 2.53 23.04
CA ILE A 864 27.96 2.45 24.43
C ILE A 864 27.94 3.88 24.97
N CYS A 865 26.78 4.33 25.44
CA CYS A 865 26.63 5.67 25.98
C CYS A 865 26.32 5.55 27.48
N CYS A 866 27.17 6.17 28.30
CA CYS A 866 27.12 6.01 29.75
C CYS A 866 26.90 7.35 30.42
N ARG A 867 26.28 7.31 31.60
CA ARG A 867 26.00 8.51 32.38
C ARG A 867 25.19 9.52 31.58
N VAL A 868 24.18 9.03 30.85
CA VAL A 868 23.38 9.86 29.96
C VAL A 868 22.00 10.06 30.59
N THR A 869 21.63 11.32 30.78
CA THR A 869 20.30 11.68 31.26
C THR A 869 19.31 11.61 30.12
N PRO A 870 18.00 11.64 30.43
CA PRO A 870 16.99 11.58 29.35
C PRO A 870 17.20 12.62 28.27
N LYS A 871 17.63 13.83 28.64
CA LYS A 871 17.93 14.85 27.63
C LYS A 871 19.02 14.36 26.67
N GLN A 872 20.02 13.67 27.21
CA GLN A 872 21.11 13.18 26.38
C GLN A 872 20.77 11.90 25.63
N LYS A 873 19.61 11.31 25.88
CA LYS A 873 19.16 10.18 25.09
C LYS A 873 18.46 10.63 23.82
N ALA A 874 17.44 11.49 23.96
CA ALA A 874 16.77 12.02 22.78
C ALA A 874 17.72 12.86 21.93
N MET A 875 18.71 13.49 22.55
CA MET A 875 19.68 14.27 21.79
C MET A 875 20.44 13.39 20.80
N VAL A 876 20.98 12.27 21.28
CA VAL A 876 21.77 11.40 20.41
C VAL A 876 20.89 10.83 19.31
N VAL A 877 19.67 10.41 19.64
CA VAL A 877 18.76 9.88 18.63
C VAL A 877 18.51 10.92 17.55
N ASP A 878 18.37 12.19 17.95
CA ASP A 878 18.20 13.26 16.97
C ASP A 878 19.43 13.39 16.07
N LEU A 879 20.63 13.26 16.67
CA LEU A 879 21.85 13.42 15.88
C LEU A 879 21.91 12.44 14.73
N VAL A 880 21.57 11.17 14.98
CA VAL A 880 21.56 10.18 13.91
C VAL A 880 20.47 10.51 12.89
N LYS A 881 19.30 10.92 13.38
CA LYS A 881 18.17 11.19 12.47
C LYS A 881 18.50 12.33 11.52
N ARG A 882 18.99 13.44 12.06
CA ARG A 882 19.18 14.64 11.24
C ARG A 882 20.34 14.47 10.27
N TYR A 883 21.47 13.96 10.77
CA TYR A 883 22.74 14.01 10.06
C TYR A 883 23.10 12.69 9.38
N LYS A 884 22.21 11.70 9.41
CA LYS A 884 22.44 10.44 8.71
C LYS A 884 21.24 9.99 7.88
N LYS A 885 20.04 10.53 8.10
CA LYS A 885 18.86 10.16 7.33
C LYS A 885 18.63 8.66 7.39
N ALA A 886 18.83 8.09 8.57
CA ALA A 886 18.67 6.66 8.80
C ALA A 886 17.52 6.42 9.77
N ILE A 887 16.66 5.45 9.44
CA ILE A 887 15.52 5.15 10.29
C ILE A 887 16.01 4.60 11.63
N THR A 888 15.40 5.05 12.71
CA THR A 888 15.84 4.74 14.05
C THR A 888 14.73 4.04 14.82
N LEU A 889 15.11 3.08 15.66
CA LEU A 889 14.20 2.43 16.58
C LEU A 889 14.72 2.61 18.00
N ALA A 890 13.87 3.12 18.89
CA ALA A 890 14.19 3.29 20.29
C ALA A 890 13.37 2.30 21.10
N ILE A 891 14.05 1.48 21.90
CA ILE A 891 13.42 0.49 22.76
C ILE A 891 13.88 0.75 24.18
N GLY A 892 12.94 0.82 25.11
CA GLY A 892 13.31 1.11 26.48
C GLY A 892 12.14 0.90 27.42
N ASP A 893 12.42 1.06 28.71
CA ASP A 893 11.42 1.03 29.75
C ASP A 893 11.74 2.10 30.77
N GLY A 894 10.72 2.57 31.47
CA GLY A 894 10.91 3.61 32.46
C GLY A 894 10.79 4.99 31.86
N ALA A 895 10.35 5.94 32.70
CA ALA A 895 10.04 7.28 32.22
C ALA A 895 11.26 7.98 31.65
N ASN A 896 12.46 7.59 32.07
CA ASN A 896 13.67 8.26 31.61
C ASN A 896 13.87 8.09 30.11
N ASP A 897 13.30 7.06 29.50
CA ASP A 897 13.50 6.78 28.08
C ASP A 897 12.41 7.36 27.19
N VAL A 898 11.31 7.85 27.76
CA VAL A 898 10.21 8.35 26.92
C VAL A 898 10.66 9.50 26.05
N ASN A 899 11.68 10.25 26.47
CA ASN A 899 12.19 11.33 25.65
C ASN A 899 12.74 10.81 24.32
N MET A 900 13.42 9.67 24.35
CA MET A 900 13.98 9.09 23.15
C MET A 900 12.98 8.24 22.38
N ILE A 901 11.96 7.70 23.04
CA ILE A 901 10.96 6.90 22.35
C ILE A 901 10.14 7.79 21.40
N LYS A 902 9.88 9.03 21.80
CA LYS A 902 9.17 9.95 20.92
C LYS A 902 10.05 10.41 19.77
N THR A 903 11.36 10.54 19.99
CA THR A 903 12.24 11.05 18.94
C THR A 903 12.47 10.00 17.85
N ALA A 904 12.63 8.74 18.24
CA ALA A 904 12.94 7.70 17.27
C ALA A 904 11.78 7.49 16.29
N HIS A 905 12.12 7.06 15.08
CA HIS A 905 11.11 6.80 14.07
C HIS A 905 10.12 5.76 14.56
N ILE A 906 10.63 4.63 15.07
CA ILE A 906 9.81 3.58 15.65
C ILE A 906 10.11 3.55 17.14
N GLY A 907 9.07 3.67 17.95
CA GLY A 907 9.24 3.66 19.39
C GLY A 907 8.71 2.38 20.00
N VAL A 908 9.59 1.60 20.61
CA VAL A 908 9.21 0.35 21.25
C VAL A 908 9.34 0.53 22.76
N GLY A 909 8.42 -0.09 23.51
CA GLY A 909 8.44 0.03 24.95
C GLY A 909 8.31 -1.31 25.66
N ILE A 910 9.34 -1.69 26.40
CA ILE A 910 9.27 -2.90 27.22
C ILE A 910 8.42 -2.60 28.45
N SER A 911 7.51 -3.52 28.79
CA SER A 911 6.69 -3.33 29.97
C SER A 911 7.56 -3.20 31.21
N GLY A 912 8.56 -4.08 31.34
CA GLY A 912 9.58 -3.94 32.36
C GLY A 912 9.06 -3.91 33.78
N GLN A 913 9.97 -3.75 34.73
CA GLN A 913 9.64 -3.68 36.15
C GLN A 913 9.66 -2.26 36.70
N GLU A 914 10.24 -1.30 35.98
CA GLU A 914 10.34 0.05 36.50
C GLU A 914 8.98 0.72 36.54
N GLY A 915 8.16 0.54 35.51
CA GLY A 915 6.84 1.13 35.51
C GLY A 915 6.15 0.90 34.17
N MET A 916 4.82 0.95 34.22
CA MET A 916 3.98 0.82 33.03
C MET A 916 3.75 2.18 32.40
N GLN A 917 4.85 2.88 32.12
CA GLN A 917 4.80 4.29 31.74
C GLN A 917 5.37 4.56 30.36
N ALA A 918 6.51 3.95 30.03
CA ALA A 918 7.21 4.21 28.77
C ALA A 918 6.75 3.31 27.64
N VAL A 919 5.60 2.65 27.77
CA VAL A 919 5.04 1.82 26.72
C VAL A 919 3.78 2.45 26.12
N MET A 920 2.98 3.14 26.92
CA MET A 920 1.87 3.89 26.36
C MET A 920 2.37 5.08 25.53
N SER A 921 3.62 5.48 25.73
CA SER A 921 4.25 6.55 24.95
C SER A 921 5.16 5.99 23.88
N SER A 922 4.77 4.87 23.28
CA SER A 922 5.60 4.18 22.30
C SER A 922 4.71 3.76 21.14
N ASP A 923 5.24 2.90 20.26
CA ASP A 923 4.50 2.36 19.13
C ASP A 923 4.24 0.87 19.25
N TYR A 924 5.15 0.11 19.86
CA TYR A 924 4.97 -1.31 20.08
C TYR A 924 5.44 -1.63 21.49
N SER A 925 4.68 -2.46 22.20
CA SER A 925 4.80 -2.59 23.65
C SER A 925 4.83 -4.04 24.09
N PHE A 926 5.69 -4.85 23.46
CA PHE A 926 5.83 -6.23 23.91
C PHE A 926 6.59 -6.26 25.24
N ALA A 927 6.82 -7.48 25.74
CA ALA A 927 7.25 -7.67 27.12
C ALA A 927 8.75 -7.87 27.29
N GLN A 928 9.46 -8.37 26.29
CA GLN A 928 10.88 -8.71 26.45
C GLN A 928 11.65 -8.36 25.20
N PHE A 929 12.93 -8.03 25.39
CA PHE A 929 13.81 -7.72 24.27
C PHE A 929 13.93 -8.87 23.30
N ARG A 930 13.75 -10.11 23.78
CA ARG A 930 13.85 -11.27 22.91
C ARG A 930 12.89 -11.19 21.73
N TYR A 931 11.73 -10.57 21.92
CA TYR A 931 10.71 -10.53 20.89
C TYR A 931 11.06 -9.59 19.74
N LEU A 932 12.12 -8.79 19.87
CA LEU A 932 12.55 -7.93 18.78
C LEU A 932 13.02 -8.73 17.57
N GLN A 933 13.31 -10.03 17.73
CA GLN A 933 13.63 -10.86 16.58
C GLN A 933 12.45 -10.96 15.62
N ARG A 934 11.25 -11.14 16.16
CA ARG A 934 10.07 -11.34 15.32
C ARG A 934 9.48 -10.03 14.83
N LEU A 935 9.60 -8.95 15.62
CA LEU A 935 9.03 -7.67 15.20
C LEU A 935 9.69 -7.18 13.92
N LEU A 936 11.01 -7.29 13.83
CA LEU A 936 11.74 -6.78 12.68
C LEU A 936 11.92 -7.82 11.57
N LEU A 937 12.40 -9.01 11.92
CA LEU A 937 12.76 -10.00 10.92
C LEU A 937 11.58 -10.78 10.37
N VAL A 938 10.40 -10.69 10.99
CA VAL A 938 9.22 -11.39 10.51
C VAL A 938 8.12 -10.40 10.20
N HIS A 939 7.64 -9.68 11.21
CA HIS A 939 6.55 -8.72 10.99
C HIS A 939 7.03 -7.52 10.20
N GLY A 940 8.18 -6.94 10.60
CA GLY A 940 8.69 -5.80 9.87
C GLY A 940 9.19 -6.16 8.48
N ARG A 941 9.85 -7.32 8.35
CA ARG A 941 10.38 -7.71 7.06
C ARG A 941 9.26 -8.06 6.08
N TRP A 942 8.31 -8.88 6.51
CA TRP A 942 7.17 -9.20 5.66
C TRP A 942 6.35 -7.97 5.35
N SER A 943 6.11 -7.12 6.35
CA SER A 943 5.28 -5.94 6.14
C SER A 943 5.85 -5.06 5.05
N TYR A 944 7.18 -5.02 4.91
CA TYR A 944 7.79 -4.23 3.86
C TYR A 944 7.52 -4.82 2.49
N ILE A 945 7.77 -6.12 2.33
CA ILE A 945 7.58 -6.75 1.02
C ILE A 945 6.10 -6.82 0.66
N ARG A 946 5.25 -7.09 1.66
CA ARG A 946 3.81 -7.11 1.41
C ARG A 946 3.30 -5.74 0.99
N MET A 947 3.88 -4.67 1.55
CA MET A 947 3.50 -3.33 1.15
C MET A 947 4.07 -2.98 -0.22
N CYS A 948 5.32 -3.35 -0.48
CA CYS A 948 5.91 -3.04 -1.78
C CYS A 948 5.26 -3.83 -2.89
N LYS A 949 5.03 -5.13 -2.68
CA LYS A 949 4.32 -5.91 -3.68
C LYS A 949 2.94 -5.33 -3.93
N PHE A 950 2.30 -4.78 -2.89
CA PHE A 950 1.01 -4.14 -3.08
C PHE A 950 1.12 -2.93 -4.00
N LEU A 951 2.15 -2.11 -3.81
CA LEU A 951 2.29 -0.90 -4.60
C LEU A 951 2.76 -1.19 -6.01
N ARG A 952 3.66 -2.18 -6.18
CA ARG A 952 4.11 -2.53 -7.50
C ARG A 952 2.98 -3.02 -8.39
N TYR A 953 1.91 -3.55 -7.78
CA TYR A 953 0.76 -4.04 -8.52
C TYR A 953 -0.39 -3.03 -8.58
N PHE A 954 -0.54 -2.21 -7.54
CA PHE A 954 -1.66 -1.27 -7.52
C PHE A 954 -1.53 -0.23 -8.63
N PHE A 955 -0.32 0.28 -8.85
CA PHE A 955 -0.11 1.20 -9.96
C PHE A 955 -0.29 0.49 -11.30
N TYR A 956 0.17 -0.75 -11.39
CA TYR A 956 0.02 -1.51 -12.64
C TYR A 956 -1.44 -1.70 -13.00
N LYS A 957 -2.26 -2.19 -12.06
CA LYS A 957 -3.62 -2.56 -12.39
C LYS A 957 -4.48 -1.34 -12.71
N ASN A 958 -4.09 -0.17 -12.21
CA ASN A 958 -4.81 1.06 -12.54
C ASN A 958 -4.22 1.78 -13.75
N PHE A 959 -2.89 1.76 -13.88
CA PHE A 959 -2.25 2.46 -14.99
C PHE A 959 -2.27 1.63 -16.27
N ALA A 960 -2.61 0.35 -16.17
CA ALA A 960 -2.89 -0.48 -17.34
C ALA A 960 -4.37 -0.52 -17.70
N PHE A 961 -5.23 0.06 -16.87
CA PHE A 961 -6.67 0.10 -17.10
C PHE A 961 -7.05 1.29 -17.96
N THR A 962 -6.60 2.49 -17.59
CA THR A 962 -7.03 3.70 -18.27
C THR A 962 -6.33 3.89 -19.61
N LEU A 963 -5.10 3.40 -19.75
CA LEU A 963 -4.31 3.71 -20.93
C LEU A 963 -4.94 3.20 -22.21
N VAL A 964 -5.89 2.26 -22.13
CA VAL A 964 -6.63 1.87 -23.32
C VAL A 964 -7.38 3.07 -23.88
N HIS A 965 -7.88 3.94 -23.00
CA HIS A 965 -8.48 5.19 -23.45
C HIS A 965 -7.49 6.02 -24.25
N PHE A 966 -6.21 5.98 -23.88
CA PHE A 966 -5.21 6.78 -24.58
C PHE A 966 -4.88 6.16 -25.93
N TRP A 967 -4.82 4.83 -26.01
CA TRP A 967 -4.56 4.18 -27.28
C TRP A 967 -5.76 4.22 -28.20
N TYR A 968 -6.96 4.02 -27.65
CA TYR A 968 -8.18 4.12 -28.44
C TYR A 968 -8.48 5.54 -28.89
N SER A 969 -7.80 6.53 -28.33
CA SER A 969 -8.03 7.91 -28.74
C SER A 969 -7.63 8.14 -30.19
N PHE A 970 -6.68 7.35 -30.71
CA PHE A 970 -6.19 7.58 -32.05
C PHE A 970 -7.20 7.16 -33.11
N PHE A 971 -7.99 6.13 -32.84
CA PHE A 971 -8.94 5.58 -33.79
C PHE A 971 -10.37 6.09 -33.56
N ASN A 972 -10.52 7.18 -32.80
CA ASN A 972 -11.82 7.81 -32.64
C ASN A 972 -11.73 9.33 -32.69
N GLY A 973 -10.69 9.88 -33.31
CA GLY A 973 -10.55 11.32 -33.40
C GLY A 973 -10.13 11.99 -32.12
N TYR A 974 -9.50 11.28 -31.20
CA TYR A 974 -9.11 11.83 -29.91
C TYR A 974 -10.30 12.44 -29.20
N SER A 975 -11.46 11.80 -29.34
CA SER A 975 -12.73 12.35 -28.89
C SER A 975 -13.08 11.95 -27.46
N ALA A 976 -12.16 11.30 -26.75
CA ALA A 976 -12.39 10.89 -25.37
C ALA A 976 -13.62 9.98 -25.27
N GLN A 977 -13.56 8.88 -26.02
CA GLN A 977 -14.56 7.83 -25.96
C GLN A 977 -14.02 6.68 -25.13
N THR A 978 -14.78 6.27 -24.12
CA THR A 978 -14.31 5.25 -23.20
C THR A 978 -14.32 3.89 -23.89
N ALA A 979 -13.16 3.22 -23.93
CA ALA A 979 -13.09 1.89 -24.51
C ALA A 979 -13.88 0.86 -23.72
N TYR A 980 -14.14 1.12 -22.45
CA TYR A 980 -14.83 0.18 -21.57
C TYR A 980 -16.30 0.53 -21.42
N GLU A 981 -17.04 -0.39 -20.83
CA GLU A 981 -18.41 -0.10 -20.42
C GLU A 981 -18.40 0.98 -19.35
N ASP A 982 -19.44 1.82 -19.36
CA ASP A 982 -19.51 2.88 -18.37
C ASP A 982 -19.61 2.33 -16.96
N TRP A 983 -20.26 1.18 -16.79
CA TRP A 983 -20.44 0.55 -15.49
C TRP A 983 -19.33 -0.46 -15.17
N PHE A 984 -18.37 -0.65 -16.07
CA PHE A 984 -17.17 -1.41 -15.75
C PHE A 984 -16.10 -0.53 -15.14
N ILE A 985 -16.09 0.76 -15.46
CA ILE A 985 -15.11 1.67 -14.86
C ILE A 985 -15.44 1.87 -13.39
N THR A 986 -16.72 1.81 -13.03
CA THR A 986 -17.13 1.96 -11.64
C THR A 986 -16.58 0.84 -10.77
N LEU A 987 -16.80 -0.41 -11.16
CA LEU A 987 -16.53 -1.54 -10.29
C LEU A 987 -15.09 -2.03 -10.35
N TYR A 988 -14.31 -1.60 -11.34
CA TYR A 988 -12.97 -2.15 -11.50
C TYR A 988 -12.10 -1.82 -10.29
N ASN A 989 -12.15 -0.58 -9.81
CA ASN A 989 -11.26 -0.18 -8.72
C ASN A 989 -11.67 -0.81 -7.39
N VAL A 990 -12.96 -1.05 -7.19
CA VAL A 990 -13.48 -1.46 -5.90
C VAL A 990 -13.80 -2.96 -5.88
N LEU A 991 -14.33 -3.50 -6.98
CA LEU A 991 -14.90 -4.84 -6.99
C LEU A 991 -14.00 -5.86 -7.69
N TYR A 992 -13.64 -5.61 -8.95
CA TYR A 992 -12.95 -6.65 -9.73
C TYR A 992 -11.50 -6.82 -9.29
N THR A 993 -10.80 -5.72 -9.00
CA THR A 993 -9.37 -5.80 -8.71
C THR A 993 -9.02 -5.12 -7.41
N SER A 994 -9.79 -5.37 -6.36
CA SER A 994 -9.52 -4.82 -5.03
C SER A 994 -9.32 -5.89 -3.98
N LEU A 995 -10.13 -6.95 -3.98
CA LEU A 995 -9.95 -8.01 -2.99
C LEU A 995 -8.62 -8.74 -3.15
N PRO A 996 -8.23 -9.23 -4.32
CA PRO A 996 -7.00 -10.04 -4.40
C PRO A 996 -5.76 -9.30 -3.94
N VAL A 997 -5.65 -8.00 -4.22
CA VAL A 997 -4.44 -7.28 -3.81
C VAL A 997 -4.41 -7.10 -2.29
N LEU A 998 -5.57 -6.87 -1.67
CA LEU A 998 -5.62 -6.76 -0.22
C LEU A 998 -5.20 -8.07 0.44
N LEU A 999 -5.76 -9.19 -0.02
CA LEU A 999 -5.41 -10.49 0.56
C LEU A 999 -3.92 -10.79 0.41
N MET A 1000 -3.29 -10.24 -0.64
CA MET A 1000 -1.85 -10.41 -0.78
C MET A 1000 -1.10 -9.66 0.32
N GLY A 1001 -1.46 -8.40 0.55
CA GLY A 1001 -0.74 -7.60 1.53
C GLY A 1001 -0.95 -8.05 2.96
N LEU A 1002 -1.84 -9.00 3.20
CA LEU A 1002 -2.06 -9.56 4.53
C LEU A 1002 -1.58 -10.99 4.68
N LEU A 1003 -1.63 -11.80 3.61
CA LEU A 1003 -1.39 -13.24 3.71
C LEU A 1003 -0.18 -13.70 2.89
N ASP A 1004 0.65 -12.78 2.41
CA ASP A 1004 1.81 -13.16 1.60
C ASP A 1004 3.04 -13.38 2.46
N GLN A 1005 3.83 -14.39 2.11
CA GLN A 1005 5.03 -14.75 2.86
C GLN A 1005 6.06 -15.26 1.87
N ASP A 1006 7.18 -14.53 1.73
CA ASP A 1006 8.25 -15.01 0.85
C ASP A 1006 8.85 -16.30 1.38
N VAL A 1007 9.14 -16.36 2.68
CA VAL A 1007 9.62 -17.57 3.33
C VAL A 1007 8.89 -17.73 4.65
N SER A 1008 8.88 -18.96 5.15
CA SER A 1008 8.16 -19.26 6.38
C SER A 1008 8.76 -18.47 7.55
N ASP A 1009 7.94 -18.31 8.59
CA ASP A 1009 8.37 -17.52 9.74
C ASP A 1009 9.61 -18.11 10.40
N LYS A 1010 9.64 -19.43 10.57
CA LYS A 1010 10.80 -20.06 11.16
C LYS A 1010 12.04 -19.88 10.30
N LEU A 1011 11.86 -19.87 8.98
CA LEU A 1011 12.99 -19.77 8.05
C LEU A 1011 13.43 -18.33 7.80
N SER A 1012 12.65 -17.34 8.25
CA SER A 1012 13.08 -15.94 8.17
C SER A 1012 13.91 -15.52 9.35
N LEU A 1013 13.77 -16.20 10.49
CA LEU A 1013 14.68 -15.97 11.62
C LEU A 1013 16.05 -16.60 11.37
N ARG A 1014 16.06 -17.79 10.79
CA ARG A 1014 17.32 -18.49 10.52
C ARG A 1014 18.18 -17.78 9.49
N PHE A 1015 17.59 -16.90 8.68
CA PHE A 1015 18.30 -16.15 7.64
C PHE A 1015 18.01 -14.67 7.81
N PRO A 1016 18.60 -14.02 8.82
CA PRO A 1016 18.33 -12.59 9.02
C PRO A 1016 18.79 -11.71 7.87
N GLY A 1017 19.67 -12.22 7.01
CA GLY A 1017 20.14 -11.42 5.88
C GLY A 1017 19.04 -11.00 4.93
N LEU A 1018 17.89 -11.68 4.96
CA LEU A 1018 16.76 -11.26 4.13
C LEU A 1018 16.30 -9.86 4.49
N TYR A 1019 16.56 -9.43 5.73
CA TYR A 1019 16.14 -8.10 6.16
C TYR A 1019 16.78 -7.00 5.31
N ILE A 1020 17.96 -7.26 4.75
CA ILE A 1020 18.71 -6.22 4.05
C ILE A 1020 17.95 -5.67 2.85
N VAL A 1021 16.99 -6.43 2.31
CA VAL A 1021 16.25 -5.96 1.14
C VAL A 1021 15.47 -4.70 1.48
N GLY A 1022 15.09 -4.52 2.75
CA GLY A 1022 14.29 -3.38 3.16
C GLY A 1022 15.10 -2.18 3.61
N GLN A 1023 16.22 -2.44 4.28
CA GLN A 1023 17.07 -1.35 4.74
C GLN A 1023 17.53 -0.50 3.56
N ARG A 1024 17.99 -1.14 2.49
CA ARG A 1024 18.46 -0.42 1.31
C ARG A 1024 17.34 0.02 0.39
N ASP A 1025 16.10 -0.42 0.65
CA ASP A 1025 14.94 0.01 -0.13
C ASP A 1025 15.05 -0.47 -1.57
N LEU A 1026 15.31 -1.76 -1.74
CA LEU A 1026 15.51 -2.35 -3.06
C LEU A 1026 14.21 -2.80 -3.72
N LEU A 1027 13.09 -2.81 -3.01
CA LEU A 1027 11.86 -3.39 -3.54
C LEU A 1027 10.88 -2.36 -4.08
N PHE A 1028 10.93 -1.11 -3.62
CA PHE A 1028 10.07 -0.07 -4.17
C PHE A 1028 10.81 1.25 -4.10
N ASN A 1029 11.48 1.61 -5.18
CA ASN A 1029 12.16 2.88 -5.31
C ASN A 1029 11.27 3.85 -6.07
N TYR A 1030 11.81 5.02 -6.38
CA TYR A 1030 11.22 5.89 -7.37
C TYR A 1030 11.54 5.41 -8.79
N LYS A 1031 12.44 4.44 -8.91
CA LYS A 1031 12.77 3.79 -10.19
C LYS A 1031 11.84 2.63 -10.50
N ARG A 1032 11.45 1.85 -9.48
CA ARG A 1032 10.50 0.77 -9.70
C ARG A 1032 9.07 1.28 -9.85
N PHE A 1033 8.84 2.58 -9.64
CA PHE A 1033 7.54 3.15 -9.97
C PHE A 1033 7.36 3.25 -11.48
N PHE A 1034 8.41 3.62 -12.20
CA PHE A 1034 8.34 3.74 -13.65
C PHE A 1034 8.60 2.43 -14.37
N VAL A 1035 8.90 1.35 -13.64
CA VAL A 1035 8.94 0.03 -14.26
C VAL A 1035 7.57 -0.63 -14.14
N SER A 1036 6.79 -0.27 -13.12
CA SER A 1036 5.40 -0.70 -13.06
C SER A 1036 4.53 0.12 -14.02
N LEU A 1037 4.92 1.37 -14.29
CA LEU A 1037 4.21 2.15 -15.30
C LEU A 1037 4.54 1.65 -16.70
N LEU A 1038 5.81 1.39 -16.98
CA LEU A 1038 6.17 0.77 -18.25
C LEU A 1038 5.45 -0.57 -18.41
N HIS A 1039 5.29 -1.30 -17.31
CA HIS A 1039 4.44 -2.49 -17.33
C HIS A 1039 3.00 -2.13 -17.64
N GLY A 1040 2.52 -1.03 -17.05
CA GLY A 1040 1.15 -0.62 -17.31
C GLY A 1040 0.93 -0.18 -18.74
N VAL A 1041 1.89 0.57 -19.30
CA VAL A 1041 1.76 1.02 -20.67
C VAL A 1041 1.69 -0.18 -21.62
N LEU A 1042 2.62 -1.12 -21.46
CA LEU A 1042 2.67 -2.26 -22.36
C LEU A 1042 1.40 -3.09 -22.26
N THR A 1043 0.98 -3.43 -21.04
CA THR A 1043 -0.22 -4.24 -20.87
C THR A 1043 -1.42 -3.57 -21.52
N SER A 1044 -1.53 -2.25 -21.40
CA SER A 1044 -2.61 -1.54 -22.08
C SER A 1044 -2.40 -1.54 -23.59
N MET A 1045 -1.15 -1.50 -24.04
CA MET A 1045 -0.88 -1.59 -25.48
C MET A 1045 -1.31 -2.95 -26.04
N ILE A 1046 -1.02 -4.03 -25.31
CA ILE A 1046 -1.43 -5.35 -25.75
C ILE A 1046 -2.94 -5.51 -25.63
N LEU A 1047 -3.51 -5.08 -24.50
CA LEU A 1047 -4.95 -5.25 -24.30
C LEU A 1047 -5.76 -4.54 -25.37
N PHE A 1048 -5.24 -3.49 -25.99
CA PHE A 1048 -5.98 -2.76 -26.99
C PHE A 1048 -5.70 -3.27 -28.41
N PHE A 1049 -4.42 -3.40 -28.77
CA PHE A 1049 -4.09 -3.64 -30.17
C PHE A 1049 -4.27 -5.10 -30.60
N ILE A 1050 -4.45 -6.03 -29.66
CA ILE A 1050 -4.76 -7.40 -30.06
C ILE A 1050 -6.25 -7.47 -30.37
N PRO A 1051 -7.14 -6.95 -29.53
CA PRO A 1051 -8.55 -6.82 -29.98
C PRO A 1051 -8.71 -5.97 -31.23
N LEU A 1052 -7.97 -4.87 -31.35
CA LEU A 1052 -8.10 -4.02 -32.54
C LEU A 1052 -7.67 -4.78 -33.79
N GLY A 1053 -6.54 -5.48 -33.73
CA GLY A 1053 -6.12 -6.27 -34.87
C GLY A 1053 -7.13 -7.35 -35.22
N ALA A 1054 -7.80 -7.90 -34.21
CA ALA A 1054 -8.75 -8.99 -34.44
C ALA A 1054 -10.09 -8.49 -34.97
N TYR A 1055 -10.40 -7.20 -34.83
CA TYR A 1055 -11.68 -6.69 -35.29
C TYR A 1055 -11.58 -5.88 -36.57
N LEU A 1056 -10.40 -5.37 -36.92
CA LEU A 1056 -10.24 -4.76 -38.24
C LEU A 1056 -10.60 -5.75 -39.33
N GLN A 1057 -10.22 -7.01 -39.15
CA GLN A 1057 -10.63 -8.08 -40.03
C GLN A 1057 -11.96 -8.65 -39.55
N THR A 1058 -12.46 -9.66 -40.26
CA THR A 1058 -13.73 -10.27 -39.89
C THR A 1058 -13.59 -11.00 -38.55
N VAL A 1059 -14.61 -10.86 -37.70
CA VAL A 1059 -14.65 -11.53 -36.40
C VAL A 1059 -16.05 -12.09 -36.22
N GLY A 1060 -16.24 -13.37 -36.55
CA GLY A 1060 -17.53 -14.00 -36.38
C GLY A 1060 -18.66 -13.23 -37.03
N GLN A 1061 -18.41 -12.67 -38.22
CA GLN A 1061 -19.37 -11.78 -38.87
C GLN A 1061 -20.48 -12.61 -39.51
N ASP A 1062 -21.65 -12.55 -38.90
CA ASP A 1062 -22.84 -13.24 -39.39
C ASP A 1062 -24.04 -12.51 -38.79
N GLY A 1063 -25.22 -13.15 -38.81
CA GLY A 1063 -26.38 -12.54 -38.21
C GLY A 1063 -26.16 -12.08 -36.78
N GLU A 1064 -25.27 -12.75 -36.05
CA GLU A 1064 -24.88 -12.39 -34.69
C GLU A 1064 -23.39 -12.10 -34.69
N ALA A 1065 -23.03 -10.86 -35.02
CA ALA A 1065 -21.64 -10.48 -35.26
C ALA A 1065 -21.11 -9.60 -34.13
N PRO A 1066 -20.20 -10.08 -33.29
CA PRO A 1066 -19.57 -9.17 -32.30
C PRO A 1066 -18.41 -8.38 -32.88
N SER A 1067 -18.74 -7.45 -33.79
CA SER A 1067 -17.77 -6.54 -34.36
C SER A 1067 -18.00 -5.09 -33.98
N ASP A 1068 -19.10 -4.78 -33.31
CA ASP A 1068 -19.45 -3.40 -32.98
C ASP A 1068 -18.56 -2.91 -31.84
N TYR A 1069 -18.85 -1.70 -31.35
CA TYR A 1069 -18.06 -1.14 -30.25
C TYR A 1069 -18.38 -1.80 -28.93
N GLN A 1070 -19.63 -2.22 -28.73
CA GLN A 1070 -19.99 -2.84 -27.46
C GLN A 1070 -19.20 -4.12 -27.23
N SER A 1071 -19.01 -4.93 -28.29
CA SER A 1071 -18.17 -6.11 -28.17
C SER A 1071 -16.70 -5.76 -28.08
N PHE A 1072 -16.33 -4.52 -28.44
CA PHE A 1072 -14.94 -4.09 -28.28
C PHE A 1072 -14.66 -3.74 -26.82
N ALA A 1073 -15.65 -3.23 -26.10
CA ALA A 1073 -15.48 -2.96 -24.68
C ALA A 1073 -15.54 -4.24 -23.87
N VAL A 1074 -16.32 -5.22 -24.31
CA VAL A 1074 -16.42 -6.48 -23.59
C VAL A 1074 -15.14 -7.31 -23.76
N THR A 1075 -14.51 -7.22 -24.94
CA THR A 1075 -13.30 -7.99 -25.17
C THR A 1075 -12.10 -7.41 -24.43
N ILE A 1076 -11.96 -6.08 -24.46
CA ILE A 1076 -10.81 -5.46 -23.78
C ILE A 1076 -10.99 -5.55 -22.28
N ALA A 1077 -12.20 -5.28 -21.79
CA ALA A 1077 -12.45 -5.37 -20.35
C ALA A 1077 -12.30 -6.81 -19.86
N SER A 1078 -12.77 -7.77 -20.65
CA SER A 1078 -12.68 -9.17 -20.24
C SER A 1078 -11.23 -9.64 -20.17
N ALA A 1079 -10.45 -9.37 -21.21
CA ALA A 1079 -9.04 -9.75 -21.18
C ALA A 1079 -8.28 -8.94 -20.14
N LEU A 1080 -8.77 -7.75 -19.79
CA LEU A 1080 -8.12 -6.95 -18.76
C LEU A 1080 -8.36 -7.54 -17.38
N VAL A 1081 -9.60 -7.93 -17.10
CA VAL A 1081 -9.92 -8.48 -15.78
C VAL A 1081 -9.16 -9.77 -15.55
N ILE A 1082 -9.09 -10.64 -16.56
CA ILE A 1082 -8.40 -11.91 -16.41
C ILE A 1082 -6.89 -11.69 -16.30
N THR A 1083 -6.36 -10.73 -17.04
CA THR A 1083 -4.92 -10.51 -17.05
C THR A 1083 -4.43 -10.04 -15.69
N VAL A 1084 -5.06 -9.01 -15.13
CA VAL A 1084 -4.64 -8.48 -13.84
C VAL A 1084 -4.85 -9.51 -12.75
N ASN A 1085 -5.99 -10.21 -12.78
CA ASN A 1085 -6.26 -11.22 -11.77
C ASN A 1085 -5.42 -12.47 -11.95
N PHE A 1086 -4.77 -12.63 -13.10
CA PHE A 1086 -3.76 -13.66 -13.28
C PHE A 1086 -2.36 -13.16 -13.01
N GLN A 1087 -2.13 -11.86 -13.19
CA GLN A 1087 -0.82 -11.30 -12.88
C GLN A 1087 -0.64 -11.10 -11.37
N ILE A 1088 -1.74 -10.91 -10.64
CA ILE A 1088 -1.67 -10.93 -9.18
C ILE A 1088 -1.38 -12.34 -8.69
N GLY A 1089 -1.94 -13.35 -9.37
CA GLY A 1089 -1.63 -14.72 -9.02
C GLY A 1089 -0.15 -15.01 -9.17
N LEU A 1090 0.49 -14.42 -10.18
CA LEU A 1090 1.94 -14.55 -10.32
C LEU A 1090 2.69 -13.84 -9.19
N ASP A 1091 2.11 -12.78 -8.64
CA ASP A 1091 2.79 -12.03 -7.59
C ASP A 1091 2.77 -12.80 -6.27
N THR A 1092 1.64 -13.38 -5.90
CA THR A 1092 1.53 -14.02 -4.59
C THR A 1092 2.45 -15.23 -4.51
N SER A 1093 3.27 -15.28 -3.47
CA SER A 1093 4.11 -16.43 -3.18
C SER A 1093 3.51 -17.37 -2.15
N TYR A 1094 2.38 -17.00 -1.55
CA TYR A 1094 1.69 -17.80 -0.53
C TYR A 1094 0.28 -18.04 -1.02
N TRP A 1095 0.08 -19.13 -1.74
CA TRP A 1095 -1.21 -19.43 -2.36
C TRP A 1095 -2.09 -20.18 -1.34
N THR A 1096 -2.49 -19.44 -0.31
CA THR A 1096 -3.43 -19.99 0.66
C THR A 1096 -4.79 -20.20 0.01
N PHE A 1097 -5.64 -20.96 0.70
CA PHE A 1097 -6.93 -21.36 0.14
C PHE A 1097 -7.93 -20.22 0.11
N VAL A 1098 -7.55 -19.00 0.53
CA VAL A 1098 -8.37 -17.82 0.32
C VAL A 1098 -7.74 -16.85 -0.66
N ASN A 1099 -6.43 -16.90 -0.88
CA ASN A 1099 -5.84 -16.16 -1.98
C ASN A 1099 -6.36 -16.67 -3.32
N ALA A 1100 -6.51 -17.99 -3.45
CA ALA A 1100 -7.06 -18.56 -4.68
C ALA A 1100 -8.53 -18.18 -4.84
N PHE A 1101 -9.29 -18.19 -3.74
CA PHE A 1101 -10.70 -17.86 -3.81
C PHE A 1101 -10.91 -16.42 -4.27
N SER A 1102 -10.08 -15.50 -3.77
CA SER A 1102 -10.24 -14.10 -4.15
C SER A 1102 -9.83 -13.87 -5.60
N ILE A 1103 -8.76 -14.51 -6.05
CA ILE A 1103 -8.31 -14.34 -7.43
C ILE A 1103 -9.35 -14.88 -8.40
N PHE A 1104 -9.80 -16.12 -8.19
CA PHE A 1104 -10.80 -16.69 -9.07
C PHE A 1104 -12.18 -16.09 -8.80
N GLY A 1105 -12.41 -15.61 -7.58
CA GLY A 1105 -13.64 -14.88 -7.32
C GLY A 1105 -13.73 -13.59 -8.12
N SER A 1106 -12.60 -12.88 -8.23
CA SER A 1106 -12.59 -11.63 -8.99
C SER A 1106 -12.93 -11.86 -10.45
N ILE A 1107 -12.34 -12.90 -11.06
CA ILE A 1107 -12.62 -13.20 -12.46
C ILE A 1107 -14.04 -13.75 -12.61
N ALA A 1108 -14.46 -14.61 -11.69
CA ALA A 1108 -15.80 -15.19 -11.79
C ALA A 1108 -16.86 -14.16 -11.42
N LEU A 1109 -16.54 -13.24 -10.51
CA LEU A 1109 -17.49 -12.19 -10.16
C LEU A 1109 -17.77 -11.29 -11.36
N TYR A 1110 -16.72 -10.94 -12.12
CA TYR A 1110 -16.92 -10.06 -13.27
C TYR A 1110 -17.85 -10.68 -14.28
N PHE A 1111 -17.66 -11.96 -14.59
CA PHE A 1111 -18.51 -12.63 -15.56
C PHE A 1111 -19.90 -12.90 -15.00
N GLY A 1112 -20.09 -12.77 -13.69
CA GLY A 1112 -21.43 -12.91 -13.14
C GLY A 1112 -22.19 -11.60 -13.19
N ILE A 1113 -21.57 -10.51 -12.73
CA ILE A 1113 -22.23 -9.20 -12.76
C ILE A 1113 -22.42 -8.74 -14.19
N MET A 1114 -21.41 -8.95 -15.04
CA MET A 1114 -21.49 -8.45 -16.42
C MET A 1114 -22.67 -9.08 -17.17
N PHE A 1115 -22.89 -10.38 -16.97
CA PHE A 1115 -24.06 -11.01 -17.58
C PHE A 1115 -25.35 -10.40 -17.05
N ASP A 1116 -25.42 -10.14 -15.75
CA ASP A 1116 -26.59 -9.51 -15.17
C ASP A 1116 -26.81 -8.11 -15.75
N PHE A 1117 -25.74 -7.32 -15.85
CA PHE A 1117 -25.87 -5.96 -16.35
C PHE A 1117 -26.35 -5.95 -17.79
N HIS A 1118 -25.84 -6.86 -18.62
CA HIS A 1118 -26.23 -6.95 -20.02
C HIS A 1118 -27.44 -7.84 -20.23
N SER A 1119 -28.02 -8.39 -19.17
CA SER A 1119 -29.23 -9.19 -19.31
C SER A 1119 -30.42 -8.31 -19.65
N ALA A 1120 -31.39 -8.90 -20.35
CA ALA A 1120 -32.56 -8.14 -20.77
C ALA A 1120 -33.37 -7.62 -19.58
N GLY A 1121 -33.35 -8.35 -18.46
CA GLY A 1121 -34.14 -7.93 -17.31
C GLY A 1121 -33.74 -6.57 -16.78
N ILE A 1122 -32.43 -6.32 -16.66
CA ILE A 1122 -31.95 -5.05 -16.15
C ILE A 1122 -32.30 -3.90 -17.10
N HIS A 1123 -32.52 -4.20 -18.38
CA HIS A 1123 -32.86 -3.15 -19.33
C HIS A 1123 -34.14 -2.42 -18.93
N VAL A 1124 -35.05 -3.11 -18.23
CA VAL A 1124 -36.27 -2.46 -17.76
C VAL A 1124 -35.95 -1.37 -16.75
N LEU A 1125 -35.04 -1.65 -15.82
CA LEU A 1125 -34.76 -0.70 -14.75
C LEU A 1125 -34.19 0.61 -15.29
N PHE A 1126 -33.26 0.53 -16.25
CA PHE A 1126 -32.60 1.72 -16.78
C PHE A 1126 -32.34 1.53 -18.27
N PRO A 1127 -33.31 1.86 -19.11
CA PRO A 1127 -33.05 1.79 -20.56
C PRO A 1127 -31.91 2.67 -21.01
N SER A 1128 -31.68 3.80 -20.34
CA SER A 1128 -30.64 4.74 -20.74
C SER A 1128 -29.32 4.48 -20.02
N ALA A 1129 -29.34 4.40 -18.69
CA ALA A 1129 -28.11 4.20 -17.94
C ALA A 1129 -27.50 2.83 -18.18
N PHE A 1130 -28.32 1.81 -18.44
CA PHE A 1130 -27.87 0.46 -18.78
C PHE A 1130 -28.16 0.23 -20.26
N GLN A 1131 -27.22 0.64 -21.13
CA GLN A 1131 -27.38 0.45 -22.57
C GLN A 1131 -26.17 -0.32 -23.12
N PHE A 1132 -26.13 -1.63 -22.82
CA PHE A 1132 -25.23 -2.61 -23.43
C PHE A 1132 -25.95 -3.93 -23.67
N THR A 1133 -27.29 -3.93 -23.63
CA THR A 1133 -28.04 -5.17 -23.51
C THR A 1133 -27.67 -6.16 -24.60
N GLY A 1134 -27.51 -7.42 -24.21
CA GLY A 1134 -27.27 -8.48 -25.17
C GLY A 1134 -25.87 -8.51 -25.76
N THR A 1135 -24.90 -7.91 -25.09
CA THR A 1135 -23.52 -7.91 -25.57
C THR A 1135 -22.70 -9.02 -24.90
N ALA A 1136 -22.75 -9.12 -23.57
CA ALA A 1136 -22.01 -10.16 -22.88
C ALA A 1136 -22.48 -11.54 -23.29
N SER A 1137 -23.80 -11.74 -23.38
CA SER A 1137 -24.35 -13.03 -23.78
C SER A 1137 -24.23 -13.28 -25.28
N ASN A 1138 -23.61 -12.37 -26.03
CA ASN A 1138 -23.45 -12.55 -27.46
C ASN A 1138 -22.00 -12.36 -27.88
N ALA A 1139 -21.26 -11.54 -27.15
CA ALA A 1139 -19.87 -11.24 -27.49
C ALA A 1139 -18.89 -12.25 -26.92
N LEU A 1140 -19.36 -13.22 -26.13
CA LEU A 1140 -18.49 -14.24 -25.56
C LEU A 1140 -18.92 -15.66 -25.89
N ARG A 1141 -20.07 -15.85 -26.53
CA ARG A 1141 -20.41 -17.15 -27.09
C ARG A 1141 -19.74 -17.39 -28.43
N GLN A 1142 -19.06 -16.39 -28.98
CA GLN A 1142 -18.39 -16.52 -30.27
C GLN A 1142 -16.93 -16.91 -30.05
N PRO A 1143 -16.44 -18.02 -30.62
CA PRO A 1143 -15.08 -18.45 -30.30
C PRO A 1143 -14.01 -17.42 -30.62
N TYR A 1144 -14.14 -16.68 -31.72
CA TYR A 1144 -13.09 -15.73 -32.09
C TYR A 1144 -12.87 -14.69 -31.01
N ILE A 1145 -13.91 -14.35 -30.25
CA ILE A 1145 -13.72 -13.43 -29.13
C ILE A 1145 -12.91 -14.10 -28.03
N TRP A 1146 -13.15 -15.40 -27.79
CA TRP A 1146 -12.38 -16.12 -26.79
C TRP A 1146 -11.00 -16.49 -27.29
N LEU A 1147 -10.83 -16.64 -28.60
CA LEU A 1147 -9.49 -16.80 -29.15
C LEU A 1147 -8.70 -15.50 -29.07
N THR A 1148 -9.39 -14.36 -29.11
CA THR A 1148 -8.71 -13.07 -28.94
C THR A 1148 -8.37 -12.82 -27.48
N ILE A 1149 -9.24 -13.24 -26.56
CA ILE A 1149 -8.97 -13.03 -25.14
C ILE A 1149 -7.84 -13.93 -24.68
N ILE A 1150 -7.82 -15.18 -25.13
CA ILE A 1150 -6.74 -16.09 -24.76
C ILE A 1150 -5.41 -15.56 -25.28
N LEU A 1151 -5.40 -15.10 -26.54
CA LEU A 1151 -4.18 -14.52 -27.09
C LEU A 1151 -3.81 -13.23 -26.36
N THR A 1152 -4.81 -12.39 -26.06
CA THR A 1152 -4.53 -11.14 -25.37
C THR A 1152 -4.00 -11.35 -23.97
N VAL A 1153 -4.33 -12.48 -23.35
CA VAL A 1153 -3.82 -12.80 -22.02
C VAL A 1153 -2.48 -13.50 -22.10
N ALA A 1154 -2.35 -14.48 -23.00
CA ALA A 1154 -1.10 -15.21 -23.13
C ALA A 1154 0.04 -14.27 -23.51
N VAL A 1155 -0.14 -13.48 -24.56
CA VAL A 1155 0.91 -12.57 -25.00
C VAL A 1155 1.13 -11.42 -24.04
N CYS A 1156 0.25 -11.26 -23.04
CA CYS A 1156 0.40 -10.21 -22.05
C CYS A 1156 0.95 -10.72 -20.71
N LEU A 1157 0.86 -12.01 -20.44
CA LEU A 1157 1.37 -12.61 -19.21
C LEU A 1157 2.63 -13.43 -19.42
N LEU A 1158 2.72 -14.17 -20.53
CA LEU A 1158 3.93 -14.96 -20.78
C LEU A 1158 5.20 -14.11 -20.77
N PRO A 1159 5.25 -12.93 -21.40
CA PRO A 1159 6.47 -12.12 -21.27
C PRO A 1159 6.82 -11.76 -19.83
N VAL A 1160 5.82 -11.69 -18.94
CA VAL A 1160 6.11 -11.47 -17.53
C VAL A 1160 6.77 -12.71 -16.93
N VAL A 1161 6.25 -13.90 -17.25
CA VAL A 1161 6.84 -15.13 -16.73
C VAL A 1161 8.27 -15.27 -17.22
N ALA A 1162 8.50 -15.00 -18.51
CA ALA A 1162 9.85 -15.08 -19.03
C ALA A 1162 10.76 -14.05 -18.36
N ILE A 1163 10.27 -12.82 -18.21
CA ILE A 1163 11.06 -11.78 -17.54
C ILE A 1163 11.34 -12.17 -16.10
N ARG A 1164 10.32 -12.66 -15.40
CA ARG A 1164 10.51 -13.05 -14.00
C ARG A 1164 11.49 -14.21 -13.88
N PHE A 1165 11.37 -15.21 -14.75
CA PHE A 1165 12.24 -16.38 -14.65
C PHE A 1165 13.70 -16.01 -14.92
N LEU A 1166 13.95 -15.15 -15.90
CA LEU A 1166 15.32 -14.71 -16.16
C LEU A 1166 15.91 -14.01 -14.95
N SER A 1167 15.13 -13.16 -14.29
CA SER A 1167 15.63 -12.45 -13.12
C SER A 1167 16.03 -13.44 -12.03
N MET A 1168 15.24 -14.49 -11.83
CA MET A 1168 15.61 -15.50 -10.84
C MET A 1168 16.92 -16.18 -11.23
N THR A 1169 17.07 -16.55 -12.50
CA THR A 1169 18.22 -17.36 -12.90
C THR A 1169 19.50 -16.54 -12.99
N ILE A 1170 19.43 -15.31 -13.51
CA ILE A 1170 20.62 -14.53 -13.76
C ILE A 1170 21.01 -13.70 -12.54
N TRP A 1171 20.06 -13.05 -11.89
CA TRP A 1171 20.30 -12.24 -10.69
C TRP A 1171 19.38 -12.72 -9.57
N PRO A 1172 19.61 -13.94 -9.07
CA PRO A 1172 18.77 -14.44 -7.97
C PRO A 1172 18.90 -13.57 -6.74
N SER A 1173 17.78 -13.39 -6.04
CA SER A 1173 17.77 -12.69 -4.77
C SER A 1173 17.93 -13.69 -3.63
N GLU A 1174 18.29 -13.18 -2.46
CA GLU A 1174 18.49 -14.06 -1.31
C GLU A 1174 17.21 -14.77 -0.93
N SER A 1175 16.06 -14.09 -1.08
CA SER A 1175 14.79 -14.73 -0.78
C SER A 1175 14.55 -15.93 -1.70
N ASP A 1176 14.86 -15.77 -2.99
CA ASP A 1176 14.70 -16.88 -3.93
C ASP A 1176 15.72 -17.97 -3.68
N LYS A 1177 16.96 -17.58 -3.31
CA LYS A 1177 18.01 -18.57 -3.13
C LYS A 1177 17.66 -19.57 -2.03
N ILE A 1178 17.11 -19.08 -0.91
CA ILE A 1178 16.70 -20.00 0.15
C ILE A 1178 15.38 -20.65 -0.18
N GLN A 1179 14.53 -20.01 -1.00
CA GLN A 1179 13.27 -20.62 -1.39
C GLN A 1179 13.48 -21.82 -2.31
N LYS A 1180 14.52 -21.77 -3.15
CA LYS A 1180 14.84 -22.92 -3.98
C LYS A 1180 15.22 -24.13 -3.14
N HIS A 1181 16.01 -23.91 -2.10
CA HIS A 1181 16.43 -24.99 -1.20
C HIS A 1181 15.43 -25.06 -0.05
N ARG A 1182 14.50 -26.01 -0.12
CA ARG A 1182 13.43 -26.08 0.88
C ARG A 1182 14.00 -26.34 2.27
N LYS A 1183 14.98 -27.23 2.39
CA LYS A 1183 15.58 -27.55 3.68
C LYS A 1183 16.20 -26.31 4.31
N LYS B 28 -1.66 -6.85 30.67
CA LYS B 28 -2.46 -5.97 29.84
C LYS B 28 -3.72 -6.68 29.35
N THR B 29 -3.52 -7.77 28.62
CA THR B 29 -4.62 -8.57 28.09
C THR B 29 -4.27 -10.04 28.32
N ARG B 30 -5.07 -10.93 27.73
CA ARG B 30 -4.90 -12.36 27.91
C ARG B 30 -4.14 -12.96 26.73
N ARG B 31 -4.00 -14.28 26.75
CA ARG B 31 -3.27 -14.97 25.69
C ARG B 31 -4.01 -14.82 24.36
N PRO B 32 -3.31 -14.48 23.28
CA PRO B 32 -3.99 -14.44 21.98
C PRO B 32 -4.47 -15.82 21.56
N ASP B 33 -5.58 -15.85 20.82
CA ASP B 33 -6.12 -17.11 20.34
C ASP B 33 -5.15 -17.75 19.36
N ASN B 34 -5.16 -19.09 19.33
CA ASN B 34 -4.27 -19.87 18.47
C ASN B 34 -5.10 -20.43 17.32
N THR B 35 -5.22 -19.66 16.26
CA THR B 35 -5.90 -20.07 15.04
C THR B 35 -4.96 -19.88 13.86
N ALA B 36 -5.22 -20.63 12.80
CA ALA B 36 -4.31 -20.61 11.65
C ALA B 36 -4.18 -19.21 11.07
N PHE B 37 -5.32 -18.52 10.90
CA PHE B 37 -5.27 -17.19 10.31
C PHE B 37 -4.49 -16.22 11.19
N LYS B 38 -4.75 -16.24 12.50
CA LYS B 38 -4.19 -15.23 13.38
C LYS B 38 -2.68 -15.36 13.52
N GLN B 39 -2.16 -16.58 13.52
CA GLN B 39 -0.74 -16.82 13.71
C GLN B 39 0.06 -16.85 12.42
N GLN B 40 -0.57 -16.48 11.30
CA GLN B 40 0.10 -16.52 10.00
C GLN B 40 0.60 -17.92 9.70
N ARG B 41 -0.29 -18.90 9.82
CA ARG B 41 0.05 -20.29 9.54
C ARG B 41 -1.02 -20.97 8.70
N LEU B 42 -1.71 -20.21 7.86
CA LEU B 42 -2.71 -20.80 6.98
C LEU B 42 -2.04 -21.79 6.04
N PRO B 43 -2.60 -22.98 5.84
CA PRO B 43 -2.02 -23.89 4.86
C PRO B 43 -2.04 -23.26 3.48
N ALA B 44 -0.94 -23.40 2.75
CA ALA B 44 -0.79 -22.72 1.48
C ALA B 44 0.31 -23.38 0.68
N TRP B 45 0.12 -23.37 -0.65
CA TRP B 45 1.13 -23.85 -1.58
C TRP B 45 2.06 -22.71 -1.94
N GLN B 46 3.36 -22.99 -1.94
CA GLN B 46 4.36 -21.99 -2.28
C GLN B 46 4.91 -22.28 -3.68
N PRO B 47 4.23 -21.84 -4.74
CA PRO B 47 4.75 -22.11 -6.08
C PRO B 47 5.95 -21.21 -6.39
N ILE B 48 7.03 -21.84 -6.83
CA ILE B 48 8.24 -21.15 -7.25
C ILE B 48 8.49 -21.49 -8.71
N LEU B 49 8.85 -20.49 -9.50
CA LEU B 49 9.02 -20.68 -10.93
C LEU B 49 10.31 -21.45 -11.21
N THR B 50 10.33 -22.73 -10.87
CA THR B 50 11.48 -23.56 -11.13
C THR B 50 11.66 -23.77 -12.63
N ALA B 51 12.90 -24.01 -13.03
CA ALA B 51 13.20 -24.19 -14.45
C ALA B 51 12.43 -25.36 -15.06
N GLY B 52 12.00 -26.31 -14.25
CA GLY B 52 11.20 -27.42 -14.72
C GLY B 52 9.71 -27.15 -14.78
N THR B 53 9.27 -25.95 -14.41
CA THR B 53 7.86 -25.58 -14.42
C THR B 53 7.51 -24.55 -15.49
N VAL B 54 8.31 -23.48 -15.61
CA VAL B 54 8.03 -22.48 -16.64
C VAL B 54 8.31 -23.06 -18.03
N LEU B 55 9.33 -23.90 -18.14
CA LEU B 55 9.68 -24.46 -19.45
C LEU B 55 8.54 -25.26 -20.06
N PRO B 56 7.97 -26.27 -19.39
CA PRO B 56 6.89 -27.03 -20.03
C PRO B 56 5.70 -26.19 -20.45
N ILE B 57 5.31 -25.18 -19.66
CA ILE B 57 4.18 -24.35 -20.05
C ILE B 57 4.54 -23.51 -21.27
N PHE B 58 5.80 -23.07 -21.36
CA PHE B 58 6.22 -22.32 -22.54
C PHE B 58 6.22 -23.19 -23.79
N PHE B 59 6.70 -24.43 -23.68
CA PHE B 59 6.70 -25.33 -24.83
C PHE B 59 5.31 -25.86 -25.10
N ILE B 60 4.52 -26.13 -24.05
CA ILE B 60 3.15 -26.59 -24.26
C ILE B 60 2.34 -25.51 -24.95
N ILE B 61 2.59 -24.24 -24.62
CA ILE B 61 1.94 -23.15 -25.34
C ILE B 61 2.38 -23.14 -26.79
N GLY B 62 3.64 -23.49 -27.06
CA GLY B 62 4.11 -23.59 -28.43
C GLY B 62 3.38 -24.66 -29.22
N LEU B 63 3.06 -25.78 -28.56
CA LEU B 63 2.35 -26.87 -29.23
C LEU B 63 0.84 -26.68 -29.21
N ILE B 64 0.33 -25.62 -28.58
CA ILE B 64 -1.10 -25.33 -28.58
C ILE B 64 -1.44 -24.17 -29.49
N PHE B 65 -0.63 -23.11 -29.46
CA PHE B 65 -0.92 -21.94 -30.28
C PHE B 65 -0.68 -22.20 -31.75
N ILE B 66 0.42 -22.88 -32.09
CA ILE B 66 0.76 -23.14 -33.48
C ILE B 66 -0.37 -23.91 -34.15
N PRO B 67 -0.78 -25.09 -33.66
CA PRO B 67 -1.88 -25.79 -34.34
C PRO B 67 -3.17 -24.99 -34.40
N ILE B 68 -3.45 -24.18 -33.38
CA ILE B 68 -4.60 -23.28 -33.47
C ILE B 68 -4.31 -22.16 -34.46
N GLY B 69 -3.06 -21.67 -34.47
CA GLY B 69 -2.72 -20.59 -35.38
C GLY B 69 -2.79 -21.00 -36.85
N ILE B 70 -2.25 -22.18 -37.17
CA ILE B 70 -2.38 -22.69 -38.53
C ILE B 70 -3.82 -23.10 -38.82
N GLY B 71 -4.54 -23.59 -37.81
CA GLY B 71 -5.92 -23.95 -38.01
C GLY B 71 -6.78 -22.78 -38.44
N ILE B 72 -6.64 -21.65 -37.74
CA ILE B 72 -7.44 -20.47 -38.06
C ILE B 72 -6.98 -19.88 -39.39
N PHE B 73 -5.67 -19.84 -39.63
CA PHE B 73 -5.17 -19.19 -40.83
C PHE B 73 -5.65 -19.88 -42.10
N VAL B 74 -5.49 -21.20 -42.18
CA VAL B 74 -5.92 -21.93 -43.36
C VAL B 74 -7.44 -21.88 -43.49
N THR B 75 -8.15 -21.95 -42.36
CA THR B 75 -9.61 -21.84 -42.40
C THR B 75 -10.03 -20.48 -42.92
N SER B 76 -9.33 -19.41 -42.50
CA SER B 76 -9.66 -18.08 -43.00
C SER B 76 -9.27 -17.93 -44.47
N ASN B 77 -8.12 -18.49 -44.85
CA ASN B 77 -7.69 -18.40 -46.24
C ASN B 77 -8.60 -19.17 -47.19
N ASN B 78 -9.39 -20.11 -46.67
CA ASN B 78 -10.36 -20.82 -47.49
C ASN B 78 -11.56 -19.95 -47.83
N ILE B 79 -11.91 -18.99 -46.96
CA ILE B 79 -13.07 -18.15 -47.18
C ILE B 79 -12.90 -17.36 -48.47
N ARG B 80 -13.95 -17.32 -49.28
CA ARG B 80 -13.96 -16.55 -50.52
C ARG B 80 -14.69 -15.25 -50.29
N GLU B 81 -14.02 -14.13 -50.60
CA GLU B 81 -14.61 -12.81 -50.45
C GLU B 81 -14.25 -11.95 -51.65
N ILE B 82 -15.15 -11.04 -51.99
CA ILE B 82 -14.94 -10.05 -53.05
C ILE B 82 -15.37 -8.69 -52.52
N GLU B 83 -14.46 -7.72 -52.58
CA GLU B 83 -14.72 -6.36 -52.08
C GLU B 83 -14.70 -5.41 -53.27
N ILE B 84 -15.85 -4.84 -53.58
CA ILE B 84 -15.99 -3.90 -54.70
C ILE B 84 -16.07 -2.50 -54.13
N ASP B 85 -15.06 -1.67 -54.42
CA ASP B 85 -15.04 -0.28 -54.01
C ASP B 85 -15.76 0.54 -55.07
N TYR B 86 -16.97 1.00 -54.75
CA TYR B 86 -17.82 1.67 -55.72
C TYR B 86 -18.08 3.13 -55.37
N THR B 87 -17.21 3.75 -54.59
CA THR B 87 -17.39 5.17 -54.28
C THR B 87 -17.10 6.04 -55.50
N GLY B 88 -16.24 5.59 -56.40
CA GLY B 88 -15.97 6.33 -57.61
C GLY B 88 -15.05 7.51 -57.43
N THR B 89 -14.33 7.60 -56.31
CA THR B 89 -13.44 8.73 -56.09
C THR B 89 -12.35 8.78 -57.16
N GLU B 90 -11.75 7.63 -57.46
CA GLU B 90 -10.72 7.60 -58.48
C GLU B 90 -11.32 7.88 -59.85
N PRO B 91 -10.67 8.69 -60.68
CA PRO B 91 -11.18 8.88 -62.05
C PRO B 91 -11.14 7.57 -62.83
N SER B 92 -11.86 7.58 -63.95
CA SER B 92 -12.04 6.47 -64.89
C SER B 92 -13.04 5.43 -64.38
N SER B 93 -13.53 5.55 -63.15
CA SER B 93 -14.62 4.68 -62.70
C SER B 93 -15.93 5.19 -63.27
N PRO B 94 -16.70 4.35 -63.98
CA PRO B 94 -17.80 4.91 -64.79
C PRO B 94 -19.07 5.16 -63.99
N CYS B 95 -18.94 5.69 -62.77
CA CYS B 95 -20.03 6.41 -62.13
C CYS B 95 -19.51 7.57 -61.30
N ASN B 96 -18.39 8.17 -61.72
CA ASN B 96 -17.85 9.33 -61.02
C ASN B 96 -18.83 10.50 -61.03
N LYS B 97 -19.82 10.47 -61.92
CA LYS B 97 -20.83 11.51 -61.97
C LYS B 97 -21.55 11.66 -60.63
N CYS B 98 -21.65 10.58 -59.86
CA CYS B 98 -22.41 10.62 -58.61
C CYS B 98 -21.71 11.45 -57.54
N LEU B 99 -20.42 11.73 -57.68
CA LEU B 99 -19.75 12.62 -56.74
C LEU B 99 -20.29 14.04 -56.82
N SER B 100 -20.93 14.40 -57.93
CA SER B 100 -21.58 15.70 -58.10
C SER B 100 -23.00 15.45 -58.60
N PRO B 101 -23.88 14.94 -57.73
CA PRO B 101 -25.22 14.50 -58.18
C PRO B 101 -26.19 15.64 -58.46
N ASP B 102 -26.11 16.16 -59.68
CA ASP B 102 -27.07 17.18 -60.11
C ASP B 102 -28.50 16.68 -59.97
N VAL B 103 -28.73 15.41 -60.29
CA VAL B 103 -30.02 14.75 -60.09
C VAL B 103 -29.89 13.80 -58.91
N THR B 104 -30.86 13.84 -58.00
CA THR B 104 -30.76 13.06 -56.76
C THR B 104 -30.56 11.58 -57.03
N PRO B 105 -31.29 10.93 -57.95
CA PRO B 105 -31.06 9.50 -58.19
C PRO B 105 -29.85 9.29 -59.10
N CYS B 106 -28.77 8.77 -58.52
CA CYS B 106 -27.57 8.40 -59.26
C CYS B 106 -27.33 6.90 -59.10
N PHE B 107 -26.75 6.29 -60.14
CA PHE B 107 -26.58 4.85 -60.20
C PHE B 107 -25.17 4.50 -60.65
N CYS B 108 -24.61 3.46 -60.04
CA CYS B 108 -23.40 2.81 -60.53
C CYS B 108 -23.73 1.40 -60.99
N THR B 109 -23.04 0.95 -62.04
CA THR B 109 -23.15 -0.42 -62.53
C THR B 109 -21.73 -0.97 -62.60
N ILE B 110 -21.30 -1.63 -61.54
CA ILE B 110 -19.94 -2.18 -61.43
C ILE B 110 -20.03 -3.68 -61.70
N ASN B 111 -19.23 -4.15 -62.66
CA ASN B 111 -19.20 -5.55 -63.04
C ASN B 111 -18.04 -6.25 -62.35
N PHE B 112 -18.30 -7.41 -61.75
CA PHE B 112 -17.26 -8.25 -61.20
C PHE B 112 -17.54 -9.69 -61.58
N THR B 113 -16.47 -10.46 -61.77
CA THR B 113 -16.56 -11.87 -62.11
C THR B 113 -15.85 -12.69 -61.05
N LEU B 114 -16.49 -13.78 -60.64
CA LEU B 114 -15.98 -14.62 -59.57
C LEU B 114 -15.24 -15.81 -60.18
N GLU B 115 -13.95 -15.94 -59.83
CA GLU B 115 -13.16 -17.06 -60.34
C GLU B 115 -13.68 -18.38 -59.79
N LYS B 116 -13.95 -18.45 -58.48
CA LYS B 116 -14.44 -19.65 -57.82
C LYS B 116 -15.82 -19.37 -57.23
N SER B 117 -16.76 -20.26 -57.48
CA SER B 117 -18.14 -20.05 -57.04
C SER B 117 -18.24 -20.10 -55.52
N PHE B 118 -19.22 -19.38 -55.00
CA PHE B 118 -19.50 -19.39 -53.57
C PHE B 118 -20.41 -20.56 -53.22
N GLU B 119 -20.22 -21.09 -52.02
CA GLU B 119 -20.97 -22.25 -51.55
C GLU B 119 -21.66 -21.92 -50.23
N GLY B 120 -22.89 -22.41 -50.08
CA GLY B 120 -23.62 -22.16 -48.86
C GLY B 120 -24.15 -20.74 -48.78
N ASN B 121 -24.47 -20.34 -47.56
CA ASN B 121 -24.98 -18.99 -47.33
C ASN B 121 -23.90 -17.97 -47.66
N VAL B 122 -24.29 -16.90 -48.37
CA VAL B 122 -23.40 -15.82 -48.75
C VAL B 122 -23.92 -14.54 -48.10
N PHE B 123 -23.06 -13.88 -47.33
CA PHE B 123 -23.43 -12.68 -46.58
C PHE B 123 -22.97 -11.45 -47.34
N MET B 124 -23.88 -10.49 -47.49
CA MET B 124 -23.64 -9.25 -48.23
C MET B 124 -23.55 -8.10 -47.24
N TYR B 125 -22.40 -7.43 -47.22
CA TYR B 125 -22.17 -6.29 -46.34
C TYR B 125 -21.96 -5.03 -47.16
N TYR B 126 -22.07 -3.88 -46.49
CA TYR B 126 -21.63 -2.61 -47.03
C TYR B 126 -20.55 -2.04 -46.12
N GLY B 127 -19.44 -1.61 -46.71
CA GLY B 127 -18.29 -1.14 -45.95
C GLY B 127 -18.19 0.38 -46.03
N LEU B 128 -17.70 0.98 -44.96
CA LEU B 128 -17.41 2.41 -44.91
C LEU B 128 -16.05 2.58 -44.27
N SER B 129 -15.18 3.33 -44.94
CA SER B 129 -13.81 3.53 -44.50
C SER B 129 -13.56 4.99 -44.17
N ASN B 130 -12.66 5.23 -43.23
CA ASN B 130 -12.37 6.59 -42.75
C ASN B 130 -13.66 7.27 -42.31
N PHE B 131 -14.53 6.50 -41.64
CA PHE B 131 -15.84 6.95 -41.19
C PHE B 131 -15.91 6.70 -39.69
N TYR B 132 -15.66 7.76 -38.91
CA TYR B 132 -15.50 7.63 -37.47
C TYR B 132 -16.88 7.52 -36.82
N GLN B 133 -17.38 6.29 -36.74
CA GLN B 133 -18.61 6.01 -36.03
C GLN B 133 -18.40 5.89 -34.53
N ASN B 134 -17.17 5.92 -34.05
CA ASN B 134 -16.84 5.81 -32.64
C ASN B 134 -16.53 7.17 -32.01
N HIS B 135 -16.81 8.27 -32.70
CA HIS B 135 -16.62 9.59 -32.12
C HIS B 135 -17.53 9.76 -30.91
N ARG B 136 -17.04 10.47 -29.89
CA ARG B 136 -17.84 10.66 -28.69
C ARG B 136 -19.11 11.44 -29.00
N ARG B 137 -18.99 12.53 -29.76
CA ARG B 137 -20.17 13.30 -30.13
C ARG B 137 -21.14 12.51 -30.98
N TYR B 138 -20.69 11.42 -31.59
CA TYR B 138 -21.52 10.59 -32.44
C TYR B 138 -22.16 9.43 -31.66
N VAL B 139 -21.34 8.67 -30.93
CA VAL B 139 -21.85 7.47 -30.27
C VAL B 139 -22.92 7.84 -29.24
N LYS B 140 -22.73 8.95 -28.53
CA LYS B 140 -23.70 9.33 -27.51
C LYS B 140 -24.97 9.90 -28.12
N SER B 141 -24.89 10.47 -29.32
CA SER B 141 -26.00 11.22 -29.87
C SER B 141 -27.14 10.28 -30.26
N ARG B 142 -27.99 9.94 -29.29
CA ARG B 142 -29.11 9.04 -29.51
C ARG B 142 -29.96 9.02 -28.24
N ASP B 143 -31.22 8.62 -28.39
CA ASP B 143 -32.12 8.42 -27.28
C ASP B 143 -32.45 6.94 -27.18
N ASP B 144 -32.21 6.36 -26.01
CA ASP B 144 -32.37 4.92 -25.83
C ASP B 144 -33.81 4.55 -25.44
N SER B 145 -34.44 5.35 -24.59
CA SER B 145 -35.84 5.12 -24.26
C SER B 145 -36.72 5.25 -25.49
N GLN B 146 -36.40 6.21 -26.36
CA GLN B 146 -37.18 6.38 -27.58
C GLN B 146 -37.10 5.14 -28.46
N LEU B 147 -35.89 4.58 -28.62
CA LEU B 147 -35.75 3.36 -29.41
C LEU B 147 -36.33 2.16 -28.67
N ASN B 148 -36.32 2.17 -27.35
CA ASN B 148 -36.91 1.09 -26.56
C ASN B 148 -38.43 1.07 -26.63
N GLY B 149 -39.05 2.11 -27.19
CA GLY B 149 -40.49 2.15 -27.32
C GLY B 149 -41.15 2.82 -26.13
N ASP B 150 -40.62 3.97 -25.72
CA ASP B 150 -41.15 4.73 -24.60
C ASP B 150 -42.04 5.85 -25.13
N SER B 151 -43.31 5.85 -24.72
CA SER B 151 -44.25 6.87 -25.18
C SER B 151 -43.81 8.25 -24.72
N SER B 152 -43.35 8.37 -23.47
CA SER B 152 -42.92 9.67 -22.96
C SER B 152 -41.75 10.21 -23.77
N ALA B 153 -40.77 9.37 -24.08
CA ALA B 153 -39.59 9.82 -24.80
C ALA B 153 -39.85 9.97 -26.30
N LEU B 154 -40.94 9.41 -26.82
CA LEU B 154 -41.23 9.54 -28.24
C LEU B 154 -41.46 11.01 -28.61
N LEU B 155 -42.23 11.73 -27.80
CA LEU B 155 -42.48 13.15 -28.01
C LEU B 155 -41.52 14.04 -27.22
N ASN B 156 -40.62 13.46 -26.44
CA ASN B 156 -39.65 14.21 -25.64
C ASN B 156 -38.27 13.58 -25.83
N PRO B 157 -37.64 13.80 -26.98
CA PRO B 157 -36.28 13.29 -27.17
C PRO B 157 -35.33 13.85 -26.11
N SER B 158 -34.41 13.01 -25.68
CA SER B 158 -33.50 13.40 -24.62
C SER B 158 -32.58 14.53 -25.08
N LYS B 159 -32.07 15.28 -24.11
CA LYS B 159 -31.08 16.30 -24.40
C LYS B 159 -29.84 15.71 -25.05
N GLU B 160 -29.62 14.41 -24.88
CA GLU B 160 -28.40 13.78 -25.39
C GLU B 160 -28.31 13.90 -26.90
N CYS B 161 -29.42 13.71 -27.62
CA CYS B 161 -29.46 13.95 -29.06
C CYS B 161 -29.82 15.41 -29.34
N GLU B 162 -28.98 16.29 -28.81
CA GLU B 162 -29.29 17.72 -28.84
C GLU B 162 -29.40 18.29 -30.25
N PRO B 163 -28.44 18.07 -31.16
CA PRO B 163 -28.51 18.76 -32.46
C PRO B 163 -29.70 18.37 -33.31
N TYR B 164 -30.34 17.23 -33.05
CA TYR B 164 -31.47 16.76 -33.85
C TYR B 164 -32.65 16.38 -32.96
N ARG B 165 -32.91 17.18 -31.92
CA ARG B 165 -34.07 16.93 -31.09
C ARG B 165 -35.36 17.08 -31.88
N ARG B 166 -35.52 18.22 -32.57
CA ARG B 166 -36.69 18.50 -33.37
C ARG B 166 -36.27 19.16 -34.67
N ASN B 167 -37.05 18.93 -35.72
CA ASN B 167 -36.73 19.45 -37.04
C ASN B 167 -37.17 20.91 -37.17
N GLU B 168 -38.46 21.18 -37.03
CA GLU B 168 -38.98 22.54 -37.07
C GLU B 168 -39.75 22.92 -35.82
N ASP B 169 -40.80 22.17 -35.47
CA ASP B 169 -41.60 22.43 -34.29
C ASP B 169 -41.78 21.20 -33.40
N LYS B 170 -41.89 20.01 -34.00
CA LYS B 170 -42.15 18.79 -33.26
C LYS B 170 -40.93 17.87 -33.30
N PRO B 171 -40.77 16.99 -32.32
CA PRO B 171 -39.51 16.23 -32.22
C PRO B 171 -39.30 15.27 -33.37
N ILE B 172 -38.02 15.01 -33.65
CA ILE B 172 -37.63 14.01 -34.63
C ILE B 172 -37.65 12.65 -33.95
N ALA B 173 -38.39 11.70 -34.54
CA ALA B 173 -38.57 10.41 -33.88
C ALA B 173 -37.24 9.68 -33.68
N PRO B 174 -36.50 9.26 -34.74
CA PRO B 174 -35.12 8.81 -34.44
C PRO B 174 -34.13 9.97 -34.33
N CYS B 175 -34.07 10.59 -33.15
CA CYS B 175 -33.18 11.71 -32.97
C CYS B 175 -31.72 11.22 -33.00
N GLY B 176 -30.81 12.15 -32.85
CA GLY B 176 -29.40 11.82 -32.71
C GLY B 176 -28.67 11.86 -34.03
N ALA B 177 -27.37 12.15 -33.95
CA ALA B 177 -26.53 12.17 -35.14
C ALA B 177 -26.32 10.79 -35.73
N ILE B 178 -26.69 9.73 -35.02
CA ILE B 178 -26.49 8.37 -35.53
C ILE B 178 -27.63 8.00 -36.48
N ALA B 179 -28.87 8.08 -35.99
CA ALA B 179 -30.01 7.73 -36.84
C ALA B 179 -30.14 8.69 -38.01
N ASN B 180 -29.67 9.93 -37.86
CA ASN B 180 -29.77 10.90 -38.94
C ASN B 180 -28.88 10.51 -40.12
N SER B 181 -27.60 10.24 -39.85
CA SER B 181 -26.64 9.89 -40.90
C SER B 181 -26.66 8.38 -41.09
N MET B 182 -27.70 7.91 -41.77
CA MET B 182 -27.90 6.48 -42.01
C MET B 182 -27.52 6.13 -43.44
N PHE B 183 -26.82 5.00 -43.59
CA PHE B 183 -26.40 4.53 -44.90
C PHE B 183 -27.63 4.22 -45.75
N ASN B 184 -27.91 5.05 -46.74
CA ASN B 184 -29.14 4.98 -47.51
C ASN B 184 -28.87 4.75 -48.99
N ASP B 185 -27.96 3.82 -49.29
CA ASP B 185 -27.79 3.32 -50.65
C ASP B 185 -28.73 2.14 -50.88
N THR B 186 -28.90 1.77 -52.15
CA THR B 186 -29.78 0.68 -52.54
C THR B 186 -28.97 -0.29 -53.40
N LEU B 187 -28.38 -1.30 -52.77
CA LEU B 187 -27.53 -2.25 -53.46
C LEU B 187 -28.34 -3.43 -53.97
N GLU B 188 -28.06 -3.84 -55.20
CA GLU B 188 -28.69 -5.01 -55.82
C GLU B 188 -27.67 -5.71 -56.70
N LEU B 189 -27.82 -7.02 -56.84
CA LEU B 189 -26.91 -7.84 -57.62
C LEU B 189 -27.64 -8.51 -58.77
N PHE B 190 -27.00 -8.53 -59.93
CA PHE B 190 -27.53 -9.16 -61.12
C PHE B 190 -26.53 -10.17 -61.66
N LEU B 191 -27.06 -11.26 -62.22
CA LEU B 191 -26.24 -12.30 -62.82
C LEU B 191 -26.33 -12.19 -64.34
N ILE B 192 -25.19 -12.01 -64.99
CA ILE B 192 -25.12 -11.90 -66.44
C ILE B 192 -24.77 -13.29 -66.97
N GLY B 193 -25.78 -13.98 -67.51
CA GLY B 193 -25.58 -15.28 -68.10
C GLY B 193 -25.12 -15.19 -69.54
N ASN B 194 -25.10 -16.35 -70.20
CA ASN B 194 -24.70 -16.38 -71.60
C ASN B 194 -25.66 -15.57 -72.47
N ASP B 195 -26.94 -15.55 -72.13
CA ASP B 195 -27.92 -14.75 -72.86
C ASP B 195 -27.72 -13.26 -72.65
N SER B 196 -26.89 -12.85 -71.70
CA SER B 196 -26.56 -11.47 -71.36
C SER B 196 -27.69 -10.78 -70.59
N TYR B 197 -28.83 -11.43 -70.40
CA TYR B 197 -29.92 -10.84 -69.63
C TYR B 197 -29.57 -10.88 -68.15
N PRO B 198 -29.69 -9.76 -67.42
CA PRO B 198 -29.38 -9.78 -65.99
C PRO B 198 -30.48 -10.50 -65.21
N ILE B 199 -30.10 -11.56 -64.50
CA ILE B 199 -31.02 -12.32 -63.66
C ILE B 199 -30.82 -11.85 -62.22
N PRO B 200 -31.78 -11.14 -61.62
CA PRO B 200 -31.65 -10.80 -60.20
C PRO B 200 -31.52 -12.05 -59.34
N ILE B 201 -30.70 -11.94 -58.30
CA ILE B 201 -30.50 -13.02 -57.33
C ILE B 201 -31.16 -12.60 -56.03
N ALA B 202 -31.90 -13.52 -55.43
CA ALA B 202 -32.72 -13.18 -54.26
C ALA B 202 -31.84 -12.67 -53.13
N LEU B 203 -32.25 -11.54 -52.54
CA LEU B 203 -31.63 -10.99 -51.36
C LEU B 203 -32.72 -10.71 -50.34
N LYS B 204 -32.59 -11.27 -49.14
CA LYS B 204 -33.58 -11.11 -48.08
C LYS B 204 -32.99 -10.25 -46.97
N LYS B 205 -33.75 -9.25 -46.55
CA LYS B 205 -33.28 -8.25 -45.60
C LYS B 205 -33.61 -8.60 -44.15
N LYS B 206 -34.33 -9.70 -43.91
CA LYS B 206 -34.70 -10.09 -42.56
C LYS B 206 -33.61 -10.94 -41.92
N GLY B 207 -33.57 -10.91 -40.60
CA GLY B 207 -32.60 -11.72 -39.87
C GLY B 207 -31.17 -11.30 -40.10
N ILE B 208 -30.89 -10.00 -40.06
CA ILE B 208 -29.54 -9.47 -40.22
C ILE B 208 -29.13 -8.62 -39.02
N ALA B 209 -29.79 -8.81 -37.88
CA ALA B 209 -29.47 -8.09 -36.66
C ALA B 209 -29.46 -9.07 -35.50
N TRP B 210 -28.82 -8.66 -34.40
CA TRP B 210 -28.75 -9.50 -33.22
C TRP B 210 -30.17 -9.82 -32.74
N TRP B 211 -30.34 -11.04 -32.24
CA TRP B 211 -31.64 -11.45 -31.72
C TRP B 211 -32.10 -10.51 -30.62
N THR B 212 -31.18 -10.13 -29.72
CA THR B 212 -31.54 -9.22 -28.63
C THR B 212 -31.94 -7.85 -29.16
N ASP B 213 -31.24 -7.36 -30.18
CA ASP B 213 -31.53 -6.02 -30.70
C ASP B 213 -32.95 -5.95 -31.27
N LYS B 214 -33.34 -6.96 -32.05
CA LYS B 214 -34.69 -6.98 -32.59
C LYS B 214 -35.72 -7.21 -31.50
N ASN B 215 -35.43 -8.10 -30.55
CA ASN B 215 -36.44 -8.59 -29.63
C ASN B 215 -36.45 -7.88 -28.29
N VAL B 216 -35.37 -7.19 -27.90
CA VAL B 216 -35.29 -6.57 -26.59
C VAL B 216 -34.98 -5.08 -26.72
N LYS B 217 -33.84 -4.75 -27.31
CA LYS B 217 -33.33 -3.39 -27.24
C LYS B 217 -34.20 -2.40 -28.02
N PHE B 218 -34.56 -2.77 -29.26
CA PHE B 218 -35.29 -1.87 -30.14
C PHE B 218 -36.75 -2.28 -30.21
N ARG B 219 -37.65 -1.32 -30.07
CA ARG B 219 -39.08 -1.59 -30.06
C ARG B 219 -39.85 -0.35 -30.53
N ASN B 220 -41.01 -0.61 -31.11
CA ASN B 220 -41.91 0.45 -31.54
C ASN B 220 -42.62 1.07 -30.35
N PRO B 221 -43.20 2.27 -30.51
CA PRO B 221 -44.00 2.83 -29.44
C PRO B 221 -45.22 1.96 -29.17
N PRO B 222 -45.71 1.94 -27.93
CA PRO B 222 -46.83 1.05 -27.60
C PRO B 222 -48.16 1.58 -28.11
N GLY B 223 -49.11 0.67 -28.21
CA GLY B 223 -50.48 1.02 -28.55
C GLY B 223 -50.72 1.02 -30.04
N GLY B 224 -51.99 0.77 -30.40
CA GLY B 224 -52.39 0.80 -31.79
C GLY B 224 -51.95 -0.42 -32.57
N ASP B 225 -52.30 -0.42 -33.84
CA ASP B 225 -51.91 -1.45 -34.79
C ASP B 225 -51.24 -0.89 -36.02
N ASN B 226 -51.66 0.29 -36.49
CA ASN B 226 -51.03 0.94 -37.63
C ASN B 226 -49.93 1.86 -37.14
N LEU B 227 -48.75 1.74 -37.74
CA LEU B 227 -47.60 2.54 -37.31
C LEU B 227 -47.84 4.03 -37.51
N GLU B 228 -48.76 4.41 -38.39
CA GLU B 228 -49.03 5.83 -38.62
C GLU B 228 -49.53 6.50 -37.35
N GLU B 229 -50.44 5.85 -36.64
CA GLU B 229 -51.04 6.44 -35.44
C GLU B 229 -50.10 6.42 -34.24
N ARG B 230 -49.10 5.54 -34.24
CA ARG B 230 -48.18 5.47 -33.10
C ARG B 230 -47.25 6.68 -33.07
N PHE B 231 -46.75 7.09 -34.23
CA PHE B 231 -45.79 8.19 -34.34
C PHE B 231 -46.46 9.53 -34.60
N LYS B 232 -47.41 9.90 -33.74
CA LYS B 232 -48.07 11.19 -33.89
C LYS B 232 -47.22 12.30 -33.30
N GLY B 233 -47.24 13.45 -33.97
CA GLY B 233 -46.44 14.59 -33.53
C GLY B 233 -44.95 14.35 -33.62
N THR B 234 -44.50 13.68 -34.67
CA THR B 234 -43.08 13.42 -34.88
C THR B 234 -42.80 13.46 -36.37
N THR B 235 -41.74 14.18 -36.75
CA THR B 235 -41.32 14.27 -38.14
C THR B 235 -40.26 13.22 -38.45
N LYS B 236 -39.80 13.22 -39.69
CA LYS B 236 -38.63 12.45 -40.06
C LYS B 236 -37.37 13.23 -39.72
N PRO B 237 -36.24 12.54 -39.54
CA PRO B 237 -34.98 13.27 -39.38
C PRO B 237 -34.66 14.08 -40.62
N VAL B 238 -33.85 15.12 -40.42
CA VAL B 238 -33.64 16.11 -41.48
C VAL B 238 -33.03 15.46 -42.71
N ASN B 239 -32.06 14.55 -42.52
CA ASN B 239 -31.40 13.94 -43.67
C ASN B 239 -32.29 12.90 -44.34
N TRP B 240 -33.09 12.16 -43.57
CA TRP B 240 -33.92 11.12 -44.14
C TRP B 240 -34.91 11.70 -45.15
N LEU B 241 -35.02 11.06 -46.31
CA LEU B 241 -35.98 11.49 -47.31
C LEU B 241 -37.41 11.11 -46.97
N LYS B 242 -37.60 9.96 -46.32
CA LYS B 242 -38.91 9.44 -45.99
C LYS B 242 -38.98 9.10 -44.52
N PRO B 243 -40.16 9.12 -43.92
CA PRO B 243 -40.26 8.90 -42.47
C PRO B 243 -39.97 7.46 -42.10
N VAL B 244 -39.73 7.27 -40.79
CA VAL B 244 -39.47 5.94 -40.24
C VAL B 244 -40.70 5.05 -40.24
N TYR B 245 -41.86 5.57 -40.65
CA TYR B 245 -43.09 4.78 -40.58
C TYR B 245 -43.00 3.55 -41.46
N MET B 246 -42.50 3.70 -42.69
CA MET B 246 -42.56 2.65 -43.71
C MET B 246 -41.16 2.35 -44.26
N LEU B 247 -40.18 2.20 -43.37
CA LEU B 247 -38.85 1.78 -43.82
C LEU B 247 -38.90 0.44 -44.53
N ASP B 248 -39.92 -0.38 -44.26
CA ASP B 248 -40.12 -1.62 -44.98
C ASP B 248 -41.61 -1.94 -45.00
N SER B 249 -42.02 -2.77 -45.95
CA SER B 249 -43.43 -3.14 -46.06
C SER B 249 -43.82 -4.15 -44.98
N ASP B 250 -42.87 -4.93 -44.49
CA ASP B 250 -43.16 -5.92 -43.47
C ASP B 250 -43.57 -5.24 -42.17
N PRO B 251 -44.72 -5.57 -41.58
CA PRO B 251 -45.06 -4.95 -40.29
C PRO B 251 -44.08 -5.28 -39.18
N ASP B 252 -43.28 -6.35 -39.32
CA ASP B 252 -42.26 -6.69 -38.36
C ASP B 252 -40.90 -6.07 -38.69
N ASN B 253 -40.81 -5.27 -39.76
CA ASN B 253 -39.57 -4.64 -40.16
C ASN B 253 -39.70 -3.14 -40.39
N ASN B 254 -40.83 -2.54 -40.01
CA ASN B 254 -41.05 -1.11 -40.16
C ASN B 254 -41.06 -0.46 -38.79
N GLY B 255 -40.37 0.68 -38.68
CA GLY B 255 -40.22 1.38 -37.43
C GLY B 255 -38.85 1.17 -36.82
N PHE B 256 -38.80 1.34 -35.49
CA PHE B 256 -37.54 1.20 -34.78
C PHE B 256 -36.98 -0.21 -34.87
N ILE B 257 -37.81 -1.20 -35.20
CA ILE B 257 -37.36 -2.58 -35.25
C ILE B 257 -36.95 -2.95 -36.67
N ASN B 258 -36.72 -1.95 -37.52
CA ASN B 258 -36.26 -2.23 -38.88
C ASN B 258 -34.87 -2.84 -38.84
N GLU B 259 -34.65 -3.82 -39.71
CA GLU B 259 -33.37 -4.53 -39.72
C GLU B 259 -32.24 -3.63 -40.20
N ASP B 260 -32.48 -2.90 -41.30
CA ASP B 260 -31.43 -2.03 -41.82
C ASP B 260 -31.08 -0.93 -40.83
N PHE B 261 -32.10 -0.31 -40.22
CA PHE B 261 -31.84 0.77 -39.28
C PHE B 261 -31.11 0.27 -38.04
N ILE B 262 -31.52 -0.89 -37.51
CA ILE B 262 -30.89 -1.44 -36.33
C ILE B 262 -29.41 -1.72 -36.61
N VAL B 263 -29.12 -2.30 -37.76
CA VAL B 263 -27.74 -2.63 -38.11
C VAL B 263 -26.88 -1.38 -38.16
N TRP B 264 -27.48 -0.23 -38.50
CA TRP B 264 -26.72 1.00 -38.55
C TRP B 264 -26.42 1.54 -37.15
N MET B 265 -27.43 1.54 -36.26
CA MET B 265 -27.25 2.13 -34.93
C MET B 265 -26.25 1.36 -34.09
N ARG B 266 -25.91 0.13 -34.47
CA ARG B 266 -24.90 -0.64 -33.76
C ARG B 266 -23.52 -0.09 -34.07
N THR B 267 -23.11 0.91 -33.30
CA THR B 267 -21.91 1.68 -33.65
C THR B 267 -20.69 0.79 -33.71
N ALA B 268 -19.84 1.03 -34.72
CA ALA B 268 -18.63 0.27 -34.90
C ALA B 268 -17.56 0.70 -33.91
N ALA B 269 -16.52 -0.12 -33.80
CA ALA B 269 -15.45 0.13 -32.86
C ALA B 269 -14.29 0.90 -33.46
N LEU B 270 -14.17 0.90 -34.78
CA LEU B 270 -13.06 1.53 -35.48
C LEU B 270 -13.60 2.25 -36.71
N PRO B 271 -12.84 3.18 -37.27
CA PRO B 271 -13.36 3.92 -38.44
C PRO B 271 -13.76 3.02 -39.60
N THR B 272 -12.87 2.12 -40.02
CA THR B 272 -13.14 1.24 -41.15
C THR B 272 -13.90 0.03 -40.64
N PHE B 273 -15.19 -0.04 -40.98
CA PHE B 273 -16.07 -1.13 -40.56
C PHE B 273 -16.87 -1.62 -41.75
N ARG B 274 -17.68 -2.64 -41.52
CA ARG B 274 -18.59 -3.16 -42.54
C ARG B 274 -19.77 -3.80 -41.84
N LYS B 275 -20.97 -3.48 -42.32
CA LYS B 275 -22.21 -3.87 -41.66
C LYS B 275 -23.01 -4.80 -42.56
N LEU B 276 -23.72 -5.72 -41.94
CA LEU B 276 -24.53 -6.68 -42.67
C LEU B 276 -25.67 -5.98 -43.39
N TYR B 277 -25.86 -6.31 -44.67
CA TYR B 277 -26.89 -5.69 -45.49
C TYR B 277 -27.95 -6.68 -45.95
N ARG B 278 -27.55 -7.79 -46.58
CA ARG B 278 -28.51 -8.74 -47.11
C ARG B 278 -27.93 -10.15 -46.97
N LEU B 279 -28.83 -11.13 -47.00
CA LEU B 279 -28.46 -12.53 -46.93
C LEU B 279 -28.83 -13.24 -48.23
N ILE B 280 -27.98 -14.18 -48.62
CA ILE B 280 -28.23 -15.05 -49.78
C ILE B 280 -28.15 -16.48 -49.25
N GLU B 281 -29.30 -17.03 -48.86
CA GLU B 281 -29.32 -18.35 -48.25
C GLU B 281 -29.16 -19.43 -49.32
N ARG B 282 -29.04 -20.67 -48.85
CA ARG B 282 -28.77 -21.79 -49.74
C ARG B 282 -29.86 -21.94 -50.79
N LYS B 283 -29.45 -22.23 -52.02
CA LYS B 283 -30.40 -22.46 -53.10
C LYS B 283 -31.10 -23.81 -52.89
N SER B 284 -32.30 -23.92 -53.46
CA SER B 284 -33.01 -25.19 -53.41
C SER B 284 -32.25 -26.28 -54.14
N ASP B 285 -31.67 -25.96 -55.30
CA ASP B 285 -30.93 -26.93 -56.09
C ASP B 285 -29.51 -27.10 -55.53
N LEU B 286 -28.85 -28.16 -56.00
CA LEU B 286 -27.50 -28.47 -55.57
C LEU B 286 -26.47 -27.48 -56.10
N HIS B 287 -26.84 -26.62 -57.05
CA HIS B 287 -25.88 -25.72 -57.64
C HIS B 287 -25.42 -24.67 -56.63
N PRO B 288 -24.26 -24.04 -56.87
CA PRO B 288 -23.78 -23.03 -55.92
C PRO B 288 -24.74 -21.85 -55.84
N THR B 289 -24.78 -21.23 -54.66
CA THR B 289 -25.66 -20.08 -54.46
C THR B 289 -25.30 -18.94 -55.41
N LEU B 290 -24.01 -18.68 -55.60
CA LEU B 290 -23.51 -17.65 -56.50
C LEU B 290 -22.54 -18.32 -57.47
N PRO B 291 -23.04 -18.96 -58.53
CA PRO B 291 -22.14 -19.64 -59.46
C PRO B 291 -21.15 -18.68 -60.08
N ALA B 292 -19.92 -19.18 -60.29
CA ALA B 292 -18.88 -18.35 -60.89
C ALA B 292 -19.33 -17.85 -62.25
N GLY B 293 -19.21 -16.55 -62.45
CA GLY B 293 -19.67 -15.94 -63.69
C GLY B 293 -19.67 -14.43 -63.57
N ARG B 294 -20.21 -13.80 -64.62
CA ARG B 294 -20.24 -12.34 -64.69
C ARG B 294 -21.43 -11.80 -63.91
N TYR B 295 -21.15 -10.88 -62.99
CA TYR B 295 -22.17 -10.23 -62.17
C TYR B 295 -22.02 -8.72 -62.27
N SER B 296 -23.12 -8.01 -62.10
CA SER B 296 -23.15 -6.56 -62.12
C SER B 296 -23.81 -6.05 -60.86
N LEU B 297 -23.19 -5.06 -60.22
CA LEU B 297 -23.69 -4.45 -58.98
C LEU B 297 -24.43 -3.18 -59.35
N ASN B 298 -25.75 -3.20 -59.19
CA ASN B 298 -26.61 -2.05 -59.50
C ASN B 298 -26.93 -1.35 -58.18
N VAL B 299 -26.27 -0.23 -57.94
CA VAL B 299 -26.36 0.48 -56.66
C VAL B 299 -26.77 1.92 -56.91
N THR B 300 -27.70 2.41 -56.11
CA THR B 300 -28.13 3.80 -56.15
C THR B 300 -27.17 4.62 -55.28
N TYR B 301 -26.33 5.43 -55.92
CA TYR B 301 -25.36 6.22 -55.18
C TYR B 301 -26.05 7.39 -54.49
N ASN B 302 -26.46 7.18 -53.23
CA ASN B 302 -27.13 8.20 -52.44
C ASN B 302 -26.27 8.77 -51.33
N TYR B 303 -25.38 7.97 -50.76
CA TYR B 303 -24.61 8.37 -49.59
C TYR B 303 -23.38 9.17 -50.02
N PRO B 304 -23.25 10.45 -49.63
CA PRO B 304 -22.02 11.18 -49.94
C PRO B 304 -20.93 10.97 -48.90
N VAL B 305 -19.77 10.47 -49.32
CA VAL B 305 -18.67 10.22 -48.40
C VAL B 305 -17.36 10.80 -48.93
N HIS B 306 -17.37 11.27 -50.19
CA HIS B 306 -16.15 11.82 -50.77
C HIS B 306 -15.73 13.13 -50.12
N TYR B 307 -16.59 13.76 -49.33
CA TYR B 307 -16.21 15.01 -48.67
C TYR B 307 -15.10 14.79 -47.66
N PHE B 308 -15.19 13.71 -46.87
CA PHE B 308 -14.19 13.41 -45.85
C PHE B 308 -13.32 12.22 -46.24
N ASP B 309 -13.15 11.99 -47.55
CA ASP B 309 -12.34 10.89 -48.06
C ASP B 309 -12.81 9.55 -47.52
N GLY B 310 -14.14 9.37 -47.46
CA GLY B 310 -14.71 8.11 -47.05
C GLY B 310 -14.99 7.23 -48.26
N ARG B 311 -14.71 5.93 -48.10
CA ARG B 311 -14.83 4.96 -49.17
C ARG B 311 -15.96 3.98 -48.86
N LYS B 312 -16.81 3.73 -49.85
CA LYS B 312 -17.88 2.76 -49.75
C LYS B 312 -17.50 1.49 -50.49
N ARG B 313 -17.85 0.35 -49.92
CA ARG B 313 -17.56 -0.93 -50.54
C ARG B 313 -18.73 -1.89 -50.32
N MET B 314 -18.89 -2.81 -51.27
CA MET B 314 -19.86 -3.89 -51.17
C MET B 314 -19.10 -5.20 -51.07
N ILE B 315 -19.37 -5.98 -50.03
CA ILE B 315 -18.59 -7.15 -49.70
C ILE B 315 -19.51 -8.36 -49.66
N LEU B 316 -19.19 -9.38 -50.46
CA LEU B 316 -19.85 -10.67 -50.42
C LEU B 316 -18.91 -11.67 -49.78
N SER B 317 -19.41 -12.40 -48.78
CA SER B 317 -18.61 -13.37 -48.04
C SER B 317 -19.40 -14.64 -47.85
N THR B 318 -18.68 -15.75 -47.70
CA THR B 318 -19.28 -17.07 -47.55
C THR B 318 -19.10 -17.55 -46.11
N ILE B 319 -20.14 -18.19 -45.58
CA ILE B 319 -20.15 -18.59 -44.18
C ILE B 319 -19.06 -19.63 -43.93
N SER B 320 -18.48 -19.59 -42.73
CA SER B 320 -17.53 -20.58 -42.27
C SER B 320 -17.93 -21.04 -40.87
N TRP B 321 -17.66 -22.32 -40.59
CA TRP B 321 -18.02 -22.88 -39.30
C TRP B 321 -17.26 -22.19 -38.17
N MET B 322 -15.98 -21.89 -38.39
CA MET B 322 -15.15 -21.27 -37.36
C MET B 322 -15.08 -19.76 -37.62
N GLY B 323 -16.16 -19.08 -37.25
CA GLY B 323 -16.19 -17.63 -37.38
C GLY B 323 -16.09 -17.19 -38.83
N GLY B 324 -15.41 -16.05 -39.04
CA GLY B 324 -15.24 -15.48 -40.34
C GLY B 324 -13.80 -15.52 -40.82
N LYS B 325 -13.48 -14.60 -41.72
CA LYS B 325 -12.15 -14.51 -42.31
C LYS B 325 -11.30 -13.58 -41.45
N ASN B 326 -10.51 -14.17 -40.56
CA ASN B 326 -9.69 -13.42 -39.60
C ASN B 326 -8.24 -13.88 -39.72
N PRO B 327 -7.56 -13.49 -40.79
CA PRO B 327 -6.17 -13.92 -40.97
C PRO B 327 -5.23 -13.41 -39.90
N PHE B 328 -5.55 -12.28 -39.25
CA PHE B 328 -4.64 -11.72 -38.26
C PHE B 328 -4.47 -12.65 -37.07
N LEU B 329 -5.58 -13.22 -36.58
CA LEU B 329 -5.47 -14.14 -35.44
C LEU B 329 -4.65 -15.36 -35.80
N GLY B 330 -4.88 -15.94 -36.98
CA GLY B 330 -4.09 -17.08 -37.39
C GLY B 330 -2.61 -16.76 -37.47
N ILE B 331 -2.27 -15.58 -37.99
CA ILE B 331 -0.88 -15.16 -38.03
C ILE B 331 -0.38 -14.81 -36.65
N ALA B 332 -1.25 -14.24 -35.80
CA ALA B 332 -0.83 -13.88 -34.45
C ALA B 332 -0.54 -15.11 -33.61
N TYR B 333 -1.41 -16.12 -33.67
CA TYR B 333 -1.16 -17.35 -32.92
C TYR B 333 0.11 -18.03 -33.40
N ILE B 334 0.32 -18.09 -34.72
CA ILE B 334 1.57 -18.65 -35.22
C ILE B 334 2.75 -17.79 -34.77
N ALA B 335 2.59 -16.46 -34.82
CA ALA B 335 3.67 -15.58 -34.38
C ALA B 335 3.96 -15.77 -32.90
N VAL B 336 2.92 -15.71 -32.06
CA VAL B 336 3.12 -15.91 -30.63
C VAL B 336 3.50 -17.35 -30.35
N GLY B 337 2.92 -18.30 -31.08
CA GLY B 337 3.27 -19.70 -30.88
C GLY B 337 4.73 -19.97 -31.12
N SER B 338 5.32 -19.31 -32.13
CA SER B 338 6.76 -19.47 -32.38
C SER B 338 7.59 -18.75 -31.34
N ILE B 339 7.15 -17.56 -30.91
CA ILE B 339 7.89 -16.83 -29.88
C ILE B 339 7.92 -17.63 -28.58
N SER B 340 6.77 -18.20 -28.20
CA SER B 340 6.74 -19.00 -26.97
C SER B 340 7.65 -20.21 -27.08
N PHE B 341 7.64 -20.88 -28.23
CA PHE B 341 8.56 -22.00 -28.43
C PHE B 341 10.01 -21.54 -28.38
N LEU B 342 10.32 -20.42 -29.05
CA LEU B 342 11.67 -19.88 -28.98
C LEU B 342 12.02 -19.43 -27.57
N LEU B 343 11.08 -18.77 -26.89
CA LEU B 343 11.34 -18.32 -25.53
C LEU B 343 11.65 -19.49 -24.61
N GLY B 344 10.94 -20.61 -24.79
CA GLY B 344 11.26 -21.80 -24.02
C GLY B 344 12.67 -22.29 -24.28
N VAL B 345 13.09 -22.32 -25.54
CA VAL B 345 14.45 -22.74 -25.86
C VAL B 345 15.46 -21.77 -25.27
N VAL B 346 15.21 -20.46 -25.42
CA VAL B 346 16.13 -19.46 -24.86
C VAL B 346 16.19 -19.59 -23.35
N LEU B 347 15.03 -19.73 -22.71
CA LEU B 347 15.02 -19.93 -21.26
C LEU B 347 15.69 -21.23 -20.89
N LEU B 348 15.52 -22.27 -21.71
CA LEU B 348 16.18 -23.55 -21.44
C LEU B 348 17.69 -23.40 -21.47
N VAL B 349 18.22 -22.65 -22.44
CA VAL B 349 19.66 -22.47 -22.53
C VAL B 349 20.18 -21.73 -21.30
N ILE B 350 19.49 -20.68 -20.88
CA ILE B 350 19.94 -19.90 -19.73
C ILE B 350 19.93 -20.77 -18.47
N ASN B 351 18.88 -21.56 -18.28
CA ASN B 351 18.85 -22.47 -17.14
C ASN B 351 19.99 -23.48 -17.22
N HIS B 352 20.24 -24.02 -18.42
CA HIS B 352 21.28 -25.03 -18.57
C HIS B 352 22.65 -24.50 -18.19
N LYS B 353 22.97 -23.27 -18.61
CA LYS B 353 24.27 -22.70 -18.29
C LYS B 353 24.38 -22.36 -16.81
N TYR B 354 23.34 -21.79 -16.22
CA TYR B 354 23.37 -21.32 -14.85
C TYR B 354 22.87 -22.37 -13.85
N ARG B 355 22.66 -23.60 -14.28
CA ARG B 355 22.21 -24.65 -13.38
C ARG B 355 23.21 -24.85 -12.25
C1 NAG C . -29.40 9.86 -48.24
C2 NAG C . -30.52 10.86 -48.55
C3 NAG C . -29.93 12.22 -48.90
C4 NAG C . -28.98 12.69 -47.82
C5 NAG C . -27.93 11.62 -47.55
C6 NAG C . -27.00 11.96 -46.41
C7 NAG C . -32.42 9.58 -49.44
C8 NAG C . -33.18 9.18 -50.66
N2 NAG C . -31.36 10.38 -49.63
O3 NAG C . -30.98 13.17 -49.07
O4 NAG C . -28.35 13.90 -48.20
O5 NAG C . -28.57 10.39 -47.21
O6 NAG C . -27.00 10.93 -45.43
O7 NAG C . -32.75 9.21 -48.31
C1 NAG C . -28.78 14.96 -47.31
C2 NAG C . -27.71 16.04 -47.30
C3 NAG C . -28.12 17.19 -46.39
C4 NAG C . -29.52 17.69 -46.74
C5 NAG C . -30.52 16.53 -46.84
C6 NAG C . -31.86 16.95 -47.37
C7 NAG C . -25.26 16.09 -47.17
C8 NAG C . -24.04 15.39 -46.65
N2 NAG C . -26.43 15.50 -46.89
O3 NAG C . -27.19 18.25 -46.52
O4 NAG C . -29.96 18.56 -45.70
O5 NAG C . -30.02 15.52 -47.74
O6 NAG C . -32.80 15.89 -47.31
O7 NAG C . -25.19 17.14 -47.79
C1 BMA C . -30.29 19.92 -46.12
C2 BMA C . -28.95 20.72 -46.32
C3 BMA C . -29.28 22.11 -46.88
C4 BMA C . -30.24 22.03 -48.07
C5 BMA C . -31.49 21.25 -47.67
C6 BMA C . -32.52 21.15 -48.78
O2 BMA C . -28.09 20.10 -47.26
O3 BMA C . -28.09 22.80 -47.27
O4 BMA C . -30.61 23.34 -48.48
O5 BMA C . -31.08 19.92 -47.31
O6 BMA C . -33.75 20.72 -48.21
PG ACP D . 19.13 2.40 33.00
O1G ACP D . 20.05 1.60 33.88
O2G ACP D . 19.94 3.38 32.19
O3G ACP D . 18.38 1.48 32.07
PB ACP D . 18.92 4.37 35.23
O1B ACP D . 20.21 4.77 34.54
O2B ACP D . 19.24 3.59 36.49
C3B ACP D . 17.92 3.32 34.07
PA ACP D . 18.70 6.96 36.50
O1A ACP D . 17.60 7.52 37.38
O2A ACP D . 19.23 8.03 35.59
O3A ACP D . 18.07 5.73 35.60
O5' ACP D . 19.91 6.36 37.46
C5' ACP D . 21.24 6.52 37.06
C4' ACP D . 22.13 6.39 38.33
O4' ACP D . 21.42 6.75 39.37
C3' ACP D . 22.56 4.92 38.57
O3' ACP D . 23.90 4.88 38.78
C2' ACP D . 21.81 4.45 39.83
O2' ACP D . 22.77 3.75 40.73
C1' ACP D . 21.37 5.54 40.43
N9 ACP D . 20.01 5.42 40.92
C8 ACP D . 18.92 5.09 40.22
N7 ACP D . 17.87 5.11 41.04
C5 ACP D . 18.31 5.47 42.26
C6 ACP D . 17.65 5.66 43.45
N6 ACP D . 16.28 5.55 43.91
N1 ACP D . 18.33 6.02 44.52
C2 ACP D . 19.67 6.22 44.44
N3 ACP D . 20.31 6.04 43.27
C4 ACP D . 19.62 5.67 42.18
MG MG E . 15.84 1.60 32.11
C1 NAG F . -20.51 -3.37 -67.14
C2 NAG F . -19.79 -2.87 -68.39
C3 NAG F . -20.74 -2.03 -69.24
C4 NAG F . -22.01 -2.80 -69.55
C5 NAG F . -22.63 -3.33 -68.26
C6 NAG F . -23.83 -4.22 -68.50
C7 NAG F . -17.37 -2.61 -68.09
C8 NAG F . -16.26 -1.68 -67.69
N2 NAG F . -18.61 -2.11 -68.04
O3 NAG F . -20.09 -1.65 -70.45
O4 NAG F . -22.94 -1.97 -70.21
O5 NAG F . -21.67 -4.10 -67.53
O6 NAG F . -23.42 -5.52 -68.92
O7 NAG F . -17.15 -3.76 -68.43
C1 NAG G . -30.85 -0.63 -61.59
C2 NAG G . -31.33 -0.97 -62.99
C3 NAG G . -32.28 0.11 -63.52
C4 NAG G . -33.43 0.31 -62.53
C5 NAG G . -32.87 0.61 -61.14
C6 NAG G . -33.95 0.71 -60.09
C7 NAG G . -29.26 -0.40 -64.31
C8 NAG G . -29.27 0.99 -63.72
N2 NAG G . -30.24 -1.24 -63.94
O3 NAG G . -32.80 -0.30 -64.79
O4 NAG G . -34.25 1.38 -62.96
O5 NAG G . -31.98 -0.45 -60.73
O6 NAG G . -34.64 -0.52 -59.94
O7 NAG G . -28.39 -0.74 -65.10
#